data_6PO5
#
_entry.id   6PO5
#
_cell.length_a   52.239
_cell.length_b   123.730
_cell.length_c   165.169
_cell.angle_alpha   90.00
_cell.angle_beta   90.00
_cell.angle_gamma   90.00
#
_symmetry.space_group_name_H-M   'P 21 21 21'
#
loop_
_entity.id
_entity.type
_entity.pdbx_description
1 polymer 'Nitric oxide synthase, brain'
2 non-polymer 'PROTOPORPHYRIN IX CONTAINING FE'
3 non-polymer 5,6,7,8-TETRAHYDROBIOPTERIN
4 non-polymer 7-[3-(aminomethyl)-4-(cyclobutylmethoxy)phenyl]-4-methylquinolin-2-amine
5 non-polymer GLYCEROL
6 non-polymer 'ZINC ION'
7 water water
#
_entity_poly.entity_id   1
_entity_poly.type   'polypeptide(L)'
_entity_poly.pdbx_seq_one_letter_code
;CPRFLKVKNWETEVVLTDTLHLKSTLETGCTEYICMGSIMHPSQHARRPEDVATKDQLFPLAKEFIDQYYSSIKRFGSKA
HMERLEEVNKEIDTTSTYQLKDTELIYGAKHAWRNASRCVGRIQWSKLQVFDARDCTTAHGMFNYICNHVKYATNKGNLR
SAITIFPQRTDGKHDFRVWNSQLIRYAGYKQPDGSTLGDPANVQFTEICIQQGWKPPRGRFDVLPLLLQANGNDPELFQI
PPELVLEVPIRHPKFEWFKDLGLKWYGLPAVSNMLLEIGGLEFSACPFSGWYMGTEIGVRDYCDNSRYNILEEVAKKMNL
DMRKTSSLWKDQALVEINIAVLYSFQSDKVTIVDHHSATESFIKHMENEYRCRGGCPADWVWIVPPMSGSITPVFHQEML
NYRLTPSFEYQPDPWNTHVWK
;
_entity_poly.pdbx_strand_id   A,B
#
loop_
_chem_comp.id
_chem_comp.type
_chem_comp.name
_chem_comp.formula
GOL non-polymer GLYCEROL 'C3 H8 O3'
H4B non-polymer 5,6,7,8-TETRAHYDROBIOPTERIN 'C9 H15 N5 O3'
HEM non-polymer 'PROTOPORPHYRIN IX CONTAINING FE' 'C34 H32 Fe N4 O4'
OUP non-polymer 7-[3-(aminomethyl)-4-(cyclobutylmethoxy)phenyl]-4-methylquinolin-2-amine 'C22 H25 N3 O'
ZN non-polymer 'ZINC ION' 'Zn 2'
#
# COMPACT_ATOMS: atom_id res chain seq x y z
N CYS A 1 -15.49 21.99 -1.26
CA CYS A 1 -16.16 20.75 -1.64
C CYS A 1 -16.33 20.66 -3.15
N PRO A 2 -15.28 20.22 -3.85
CA PRO A 2 -15.38 20.09 -5.31
C PRO A 2 -16.09 18.82 -5.73
N ARG A 3 -16.66 18.88 -6.94
CA ARG A 3 -17.52 17.81 -7.43
C ARG A 3 -16.72 16.70 -8.10
N PHE A 4 -15.53 17.02 -8.61
CA PHE A 4 -14.71 16.10 -9.37
C PHE A 4 -13.41 15.83 -8.63
N LEU A 5 -12.89 14.62 -8.75
CA LEU A 5 -11.62 14.24 -8.18
C LEU A 5 -10.83 13.49 -9.23
N LYS A 6 -9.56 13.83 -9.38
CA LYS A 6 -8.68 13.28 -10.40
C LYS A 6 -7.72 12.28 -9.79
N VAL A 7 -7.48 11.18 -10.50
CA VAL A 7 -6.45 10.22 -10.15
C VAL A 7 -5.55 10.06 -11.36
N LYS A 8 -4.26 9.90 -11.10
CA LYS A 8 -3.25 9.85 -12.14
C LYS A 8 -2.54 8.51 -12.09
N ASN A 9 -2.24 7.97 -13.26
CA ASN A 9 -1.35 6.82 -13.36
C ASN A 9 0.04 7.35 -13.69
N TRP A 10 0.98 7.19 -12.77
CA TRP A 10 2.27 7.83 -12.92
C TRP A 10 3.18 7.12 -13.90
N GLU A 11 2.79 5.93 -14.36
CA GLU A 11 3.51 5.18 -15.37
C GLU A 11 3.07 5.52 -16.78
N THR A 12 1.75 5.65 -17.00
CA THR A 12 1.20 5.96 -18.32
C THR A 12 0.74 7.41 -18.46
N GLU A 13 0.68 8.17 -17.37
CA GLU A 13 0.21 9.56 -17.29
C GLU A 13 -1.29 9.70 -17.52
N VAL A 14 -2.02 8.59 -17.64
CA VAL A 14 -3.46 8.69 -17.83
C VAL A 14 -4.10 9.28 -16.58
N VAL A 15 -5.00 10.25 -16.78
CA VAL A 15 -5.73 10.89 -15.70
C VAL A 15 -7.20 10.52 -15.82
N LEU A 16 -7.79 10.06 -14.72
CA LEU A 16 -9.20 9.68 -14.68
C LEU A 16 -9.93 10.59 -13.70
N THR A 17 -11.21 10.79 -13.96
CA THR A 17 -12.02 11.74 -13.22
C THR A 17 -13.13 11.01 -12.49
N ASP A 18 -13.18 11.17 -11.17
CA ASP A 18 -14.12 10.44 -10.33
C ASP A 18 -15.24 11.38 -9.91
N THR A 19 -16.47 11.01 -10.28
CA THR A 19 -17.67 11.62 -9.71
C THR A 19 -18.47 10.68 -8.84
N LEU A 20 -18.21 9.38 -8.92
CA LEU A 20 -19.01 8.39 -8.20
C LEU A 20 -18.87 8.55 -6.69
N HIS A 21 -17.75 9.12 -6.23
CA HIS A 21 -17.51 9.30 -4.80
C HIS A 21 -18.58 10.14 -4.13
N LEU A 22 -19.30 10.96 -4.91
CA LEU A 22 -20.45 11.69 -4.38
C LEU A 22 -21.52 10.75 -3.81
N LYS A 23 -21.55 9.48 -4.21
CA LYS A 23 -22.55 8.54 -3.70
C LYS A 23 -22.04 7.71 -2.53
N SER A 24 -20.84 7.99 -2.02
CA SER A 24 -20.34 7.26 -0.86
C SER A 24 -21.27 7.50 0.33
N THR A 25 -21.36 6.52 1.22
CA THR A 25 -22.36 6.54 2.27
C THR A 25 -21.75 6.58 3.66
N LEU A 26 -20.93 5.61 4.03
CA LEU A 26 -20.42 5.51 5.39
C LEU A 26 -18.97 5.97 5.47
N GLU A 27 -18.49 6.10 6.70
CA GLU A 27 -17.19 6.71 6.96
C GLU A 27 -16.06 5.78 6.57
N THR A 28 -14.93 6.38 6.18
CA THR A 28 -13.70 5.65 5.93
C THR A 28 -12.90 5.40 7.19
N GLY A 29 -13.08 6.21 8.21
CA GLY A 29 -12.16 6.25 9.32
C GLY A 29 -11.08 7.30 9.20
N CYS A 30 -10.81 7.80 7.99
CA CYS A 30 -9.90 8.91 7.84
C CYS A 30 -10.59 10.21 8.22
N THR A 31 -9.80 11.20 8.60
CA THR A 31 -10.25 12.59 8.71
C THR A 31 -9.35 13.45 7.84
N GLU A 32 -9.63 14.75 7.82
CA GLU A 32 -8.77 15.68 7.11
C GLU A 32 -7.40 15.78 7.75
N TYR A 33 -7.22 15.26 8.97
CA TYR A 33 -5.96 15.39 9.69
C TYR A 33 -5.30 14.04 9.98
N ILE A 34 -5.89 12.93 9.55
CA ILE A 34 -5.25 11.64 9.75
C ILE A 34 -5.79 10.68 8.70
N CYS A 35 -4.91 9.83 8.16
CA CYS A 35 -5.31 8.80 7.21
C CYS A 35 -5.18 7.43 7.86
N MET A 36 -6.24 6.62 7.76
CA MET A 36 -6.23 5.31 8.36
C MET A 36 -6.23 4.22 7.30
N GLY A 37 -5.64 4.52 6.16
CA GLY A 37 -5.64 3.63 5.02
C GLY A 37 -4.98 2.29 5.23
N SER A 38 -4.11 2.16 6.24
CA SER A 38 -3.50 0.86 6.51
C SER A 38 -4.08 0.15 7.74
N ILE A 39 -5.09 0.72 8.40
CA ILE A 39 -5.76 0.06 9.51
C ILE A 39 -6.67 -1.04 8.97
N MET A 40 -6.60 -2.24 9.56
CA MET A 40 -7.33 -3.38 8.98
C MET A 40 -8.84 -3.18 9.04
N HIS A 41 -9.38 -2.78 10.20
CA HIS A 41 -10.79 -2.40 10.32
C HIS A 41 -10.88 -0.99 10.90
N PRO A 42 -10.80 0.04 10.06
CA PRO A 42 -10.76 1.41 10.59
C PRO A 42 -12.09 1.89 11.14
N SER A 43 -13.18 1.70 10.38
CA SER A 43 -14.49 2.13 10.83
C SER A 43 -15.06 1.15 11.86
N ARG A 48 -24.30 -4.16 19.78
CA ARG A 48 -25.06 -5.27 20.37
C ARG A 48 -25.82 -6.01 19.27
N PRO A 49 -25.87 -7.34 19.37
CA PRO A 49 -26.59 -8.13 18.34
C PRO A 49 -28.05 -7.72 18.16
N GLU A 50 -28.78 -7.51 19.26
CA GLU A 50 -30.19 -7.18 19.16
C GLU A 50 -30.45 -5.78 18.59
N ASP A 51 -29.43 -4.93 18.51
CA ASP A 51 -29.59 -3.57 17.98
C ASP A 51 -29.69 -3.64 16.47
N VAL A 52 -30.91 -3.75 15.97
CA VAL A 52 -31.18 -3.80 14.55
C VAL A 52 -31.68 -2.44 14.08
N ALA A 53 -31.73 -2.26 12.76
CA ALA A 53 -32.21 -1.00 12.20
C ALA A 53 -33.66 -0.77 12.60
N THR A 54 -33.97 0.48 12.96
CA THR A 54 -35.33 0.86 13.29
C THR A 54 -36.12 1.16 12.01
N LYS A 55 -37.41 1.44 12.19
CA LYS A 55 -38.25 1.85 11.06
C LYS A 55 -37.69 3.10 10.39
N ASP A 56 -37.54 4.17 11.17
CA ASP A 56 -37.07 5.44 10.62
C ASP A 56 -35.68 5.35 10.04
N GLN A 57 -34.86 4.41 10.53
CA GLN A 57 -33.56 4.21 9.90
C GLN A 57 -33.71 3.48 8.57
N LEU A 58 -34.65 2.53 8.50
CA LEU A 58 -34.72 1.64 7.34
C LEU A 58 -35.32 2.34 6.12
N PHE A 59 -36.29 3.25 6.31
CA PHE A 59 -36.97 3.90 5.20
C PHE A 59 -35.98 4.53 4.21
N PRO A 60 -35.09 5.46 4.65
CA PRO A 60 -34.19 6.07 3.66
C PRO A 60 -33.24 5.08 3.00
N LEU A 61 -32.76 4.08 3.73
CA LEU A 61 -31.82 3.13 3.14
C LEU A 61 -32.49 2.28 2.07
N ALA A 62 -33.73 1.85 2.31
CA ALA A 62 -34.49 1.12 1.30
C ALA A 62 -34.76 2.00 0.07
N LYS A 63 -35.17 3.25 0.30
CA LYS A 63 -35.46 4.13 -0.83
C LYS A 63 -34.22 4.34 -1.69
N GLU A 64 -33.08 4.60 -1.06
CA GLU A 64 -31.85 4.80 -1.81
C GLU A 64 -31.55 3.58 -2.68
N PHE A 65 -31.72 2.38 -2.14
CA PHE A 65 -31.41 1.18 -2.92
C PHE A 65 -32.43 0.96 -4.05
N ILE A 66 -33.72 1.06 -3.72
CA ILE A 66 -34.74 0.92 -4.76
C ILE A 66 -34.51 1.93 -5.88
N ASP A 67 -34.24 3.19 -5.52
CA ASP A 67 -33.96 4.21 -6.53
C ASP A 67 -32.79 3.80 -7.41
N GLN A 68 -31.70 3.32 -6.79
CA GLN A 68 -30.52 2.91 -7.53
C GLN A 68 -30.83 1.74 -8.46
N TYR A 69 -31.67 0.79 -7.99
CA TYR A 69 -32.04 -0.34 -8.82
C TYR A 69 -32.84 0.09 -10.04
N TYR A 70 -33.87 0.93 -9.84
CA TYR A 70 -34.70 1.33 -10.97
C TYR A 70 -33.96 2.27 -11.90
N SER A 71 -32.97 3.00 -11.39
CA SER A 71 -32.09 3.75 -12.27
C SER A 71 -31.27 2.82 -13.15
N SER A 72 -30.79 1.70 -12.59
CA SER A 72 -29.93 0.80 -13.34
C SER A 72 -30.68 0.07 -14.46
N ILE A 73 -32.01 -0.10 -14.33
CA ILE A 73 -32.77 -0.77 -15.37
C ILE A 73 -33.46 0.26 -16.27
N LYS A 74 -33.04 1.53 -16.16
CA LYS A 74 -33.58 2.62 -16.99
C LYS A 74 -35.10 2.74 -16.84
N ARG A 75 -35.58 2.59 -15.60
CA ARG A 75 -37.00 2.73 -15.28
C ARG A 75 -37.20 3.70 -14.12
N PHE A 76 -36.26 4.63 -13.93
CA PHE A 76 -36.34 5.57 -12.82
C PHE A 76 -37.54 6.50 -12.97
N GLY A 77 -38.29 6.66 -11.89
CA GLY A 77 -39.49 7.46 -11.91
C GLY A 77 -40.69 6.82 -12.59
N SER A 78 -40.56 5.56 -13.01
CA SER A 78 -41.66 4.87 -13.68
C SER A 78 -42.75 4.48 -12.69
N LYS A 79 -43.89 4.07 -13.24
CA LYS A 79 -44.99 3.58 -12.42
C LYS A 79 -44.56 2.38 -11.60
N ALA A 80 -43.78 1.47 -12.19
CA ALA A 80 -43.26 0.32 -11.45
C ALA A 80 -42.34 0.77 -10.32
N HIS A 81 -41.51 1.77 -10.58
CA HIS A 81 -40.64 2.33 -9.55
C HIS A 81 -41.46 2.85 -8.38
N MET A 82 -42.44 3.71 -8.66
CA MET A 82 -43.25 4.32 -7.61
C MET A 82 -44.03 3.28 -6.83
N GLU A 83 -44.57 2.27 -7.52
CA GLU A 83 -45.35 1.24 -6.84
C GLU A 83 -44.46 0.36 -5.97
N ARG A 84 -43.25 0.04 -6.44
CA ARG A 84 -42.32 -0.71 -5.61
C ARG A 84 -41.96 0.07 -4.35
N LEU A 85 -41.70 1.37 -4.51
CA LEU A 85 -41.41 2.23 -3.36
C LEU A 85 -42.56 2.21 -2.36
N GLU A 86 -43.80 2.36 -2.84
CA GLU A 86 -44.95 2.36 -1.94
C GLU A 86 -45.09 1.02 -1.24
N GLU A 87 -44.86 -0.07 -1.97
CA GLU A 87 -44.97 -1.40 -1.38
C GLU A 87 -43.91 -1.60 -0.30
N VAL A 88 -42.66 -1.23 -0.58
CA VAL A 88 -41.60 -1.33 0.41
C VAL A 88 -41.92 -0.48 1.64
N ASN A 89 -42.38 0.76 1.42
CA ASN A 89 -42.70 1.65 2.53
CA ASN A 89 -42.68 1.63 2.55
C ASN A 89 -43.78 1.08 3.43
N LYS A 90 -44.75 0.35 2.84
CA LYS A 90 -45.82 -0.23 3.62
C LYS A 90 -45.37 -1.49 4.37
N GLU A 91 -44.44 -2.26 3.80
CA GLU A 91 -43.89 -3.39 4.53
C GLU A 91 -43.13 -2.92 5.77
N ILE A 92 -42.23 -1.95 5.58
CA ILE A 92 -41.48 -1.41 6.71
C ILE A 92 -42.44 -0.82 7.73
N ASP A 93 -43.51 -0.18 7.27
CA ASP A 93 -44.46 0.43 8.18
C ASP A 93 -45.20 -0.63 9.00
N THR A 94 -45.51 -1.77 8.41
CA THR A 94 -46.34 -2.76 9.06
C THR A 94 -45.57 -3.95 9.61
N THR A 95 -44.32 -4.18 9.17
CA THR A 95 -43.55 -5.32 9.65
C THR A 95 -42.16 -4.96 10.17
N SER A 96 -41.76 -3.69 10.12
CA SER A 96 -40.46 -3.18 10.52
C SER A 96 -39.32 -3.67 9.64
N THR A 97 -39.61 -4.42 8.58
CA THR A 97 -38.57 -4.81 7.63
C THR A 97 -39.22 -4.91 6.26
N TYR A 98 -38.47 -5.39 5.27
CA TYR A 98 -39.07 -5.68 3.98
C TYR A 98 -38.29 -6.78 3.29
N GLN A 99 -38.90 -7.33 2.24
CA GLN A 99 -38.35 -8.44 1.48
C GLN A 99 -37.94 -7.95 0.10
N LEU A 100 -36.73 -8.30 -0.32
CA LEU A 100 -36.27 -7.97 -1.65
C LEU A 100 -36.90 -8.90 -2.69
N LYS A 101 -37.23 -8.35 -3.84
CA LYS A 101 -37.56 -9.17 -5.00
C LYS A 101 -36.31 -9.91 -5.46
N ASP A 102 -36.52 -11.03 -6.16
CA ASP A 102 -35.40 -11.81 -6.65
C ASP A 102 -34.46 -10.98 -7.51
N THR A 103 -35.03 -10.17 -8.40
CA THR A 103 -34.22 -9.28 -9.24
C THR A 103 -33.33 -8.36 -8.39
N GLU A 104 -33.89 -7.84 -7.30
CA GLU A 104 -33.16 -6.86 -6.48
C GLU A 104 -32.07 -7.54 -5.67
N LEU A 105 -32.36 -8.73 -5.16
CA LEU A 105 -31.35 -9.56 -4.51
C LEU A 105 -30.14 -9.78 -5.42
N ILE A 106 -30.41 -10.19 -6.66
CA ILE A 106 -29.34 -10.50 -7.60
C ILE A 106 -28.55 -9.23 -7.92
N TYR A 107 -29.26 -8.15 -8.25
CA TYR A 107 -28.61 -6.85 -8.48
C TYR A 107 -27.76 -6.45 -7.27
N GLY A 108 -28.32 -6.60 -6.06
CA GLY A 108 -27.62 -6.14 -4.86
C GLY A 108 -26.37 -6.94 -4.57
N ALA A 109 -26.43 -8.25 -4.79
CA ALA A 109 -25.26 -9.10 -4.59
C ALA A 109 -24.16 -8.75 -5.58
N LYS A 110 -24.49 -8.65 -6.87
CA LYS A 110 -23.48 -8.30 -7.86
C LYS A 110 -22.85 -6.96 -7.52
N HIS A 111 -23.62 -6.01 -7.00
CA HIS A 111 -23.09 -4.68 -6.76
C HIS A 111 -22.28 -4.58 -5.48
N ALA A 112 -22.57 -5.40 -4.47
CA ALA A 112 -21.67 -5.48 -3.33
C ALA A 112 -20.28 -5.92 -3.78
N TRP A 113 -20.22 -6.88 -4.71
CA TRP A 113 -18.91 -7.26 -5.25
C TRP A 113 -18.33 -6.12 -6.08
N ARG A 114 -19.14 -5.52 -6.96
CA ARG A 114 -18.66 -4.40 -7.77
C ARG A 114 -18.09 -3.28 -6.90
N ASN A 115 -18.63 -3.10 -5.69
CA ASN A 115 -18.25 -2.04 -4.77
C ASN A 115 -17.15 -2.43 -3.80
N ALA A 116 -16.62 -3.65 -3.88
CA ALA A 116 -15.65 -4.13 -2.89
C ALA A 116 -14.28 -3.53 -3.20
N SER A 117 -13.93 -2.44 -2.51
CA SER A 117 -12.74 -1.71 -2.88
CA SER A 117 -12.72 -1.69 -2.83
C SER A 117 -11.45 -2.52 -2.72
N ARG A 118 -11.46 -3.58 -1.91
CA ARG A 118 -10.25 -4.35 -1.70
C ARG A 118 -10.08 -5.50 -2.68
N CYS A 119 -11.04 -5.70 -3.59
CA CYS A 119 -11.04 -6.87 -4.47
C CYS A 119 -10.39 -6.51 -5.81
N VAL A 120 -9.30 -7.20 -6.15
CA VAL A 120 -8.65 -7.02 -7.45
C VAL A 120 -9.35 -7.79 -8.57
N GLY A 121 -10.29 -8.67 -8.25
CA GLY A 121 -10.88 -9.44 -9.30
C GLY A 121 -12.19 -8.92 -9.85
N ARG A 122 -12.52 -7.63 -9.61
CA ARG A 122 -13.88 -7.20 -9.92
C ARG A 122 -14.21 -7.06 -11.41
N ILE A 123 -13.26 -7.26 -12.33
CA ILE A 123 -13.64 -7.19 -13.75
C ILE A 123 -14.71 -8.24 -14.07
N GLN A 124 -14.87 -9.24 -13.20
CA GLN A 124 -15.80 -10.35 -13.33
C GLN A 124 -17.13 -10.11 -12.62
N TRP A 125 -17.36 -8.90 -12.08
CA TRP A 125 -18.42 -8.70 -11.10
C TRP A 125 -19.80 -9.06 -11.64
N SER A 126 -20.06 -8.80 -12.93
CA SER A 126 -21.41 -9.05 -13.41
C SER A 126 -21.66 -10.53 -13.73
N LYS A 127 -20.61 -11.35 -13.74
CA LYS A 127 -20.73 -12.79 -13.96
C LYS A 127 -20.66 -13.51 -12.61
N LEU A 128 -21.74 -13.38 -11.86
CA LEU A 128 -21.83 -13.95 -10.51
C LEU A 128 -23.11 -14.75 -10.44
N GLN A 129 -23.03 -16.02 -10.11
CA GLN A 129 -24.22 -16.86 -9.98
C GLN A 129 -24.78 -16.68 -8.58
N VAL A 130 -26.00 -16.18 -8.47
CA VAL A 130 -26.61 -15.90 -7.18
C VAL A 130 -27.58 -17.03 -6.83
N PHE A 131 -27.34 -17.70 -5.70
CA PHE A 131 -28.25 -18.75 -5.22
C PHE A 131 -29.09 -18.20 -4.08
N ASP A 132 -30.40 -18.10 -4.29
CA ASP A 132 -31.33 -17.55 -3.31
C ASP A 132 -31.69 -18.66 -2.33
N ALA A 133 -31.16 -18.59 -1.11
CA ALA A 133 -31.45 -19.57 -0.07
C ALA A 133 -32.27 -18.96 1.06
N ARG A 134 -33.11 -17.96 0.76
CA ARG A 134 -33.88 -17.32 1.83
C ARG A 134 -35.04 -18.18 2.32
N ASP A 135 -35.30 -19.33 1.72
CA ASP A 135 -36.35 -20.22 2.23
C ASP A 135 -35.80 -21.22 3.24
N CYS A 136 -34.49 -21.19 3.48
CA CYS A 136 -33.83 -22.10 4.41
C CYS A 136 -34.30 -21.85 5.84
N THR A 137 -34.49 -22.94 6.58
CA THR A 137 -34.91 -22.86 7.97
C THR A 137 -34.05 -23.61 8.95
N THR A 138 -33.19 -24.53 8.52
CA THR A 138 -32.44 -25.38 9.43
C THR A 138 -31.01 -25.50 8.93
N ALA A 139 -30.15 -26.00 9.82
CA ALA A 139 -28.73 -26.11 9.49
C ALA A 139 -28.47 -27.23 8.50
N HIS A 140 -29.28 -28.31 8.56
CA HIS A 140 -29.20 -29.30 7.49
C HIS A 140 -29.50 -28.67 6.13
N GLY A 141 -30.49 -27.77 6.07
CA GLY A 141 -30.78 -27.12 4.81
C GLY A 141 -29.67 -26.19 4.36
N MET A 142 -29.00 -25.55 5.31
CA MET A 142 -27.83 -24.74 4.95
C MET A 142 -26.72 -25.61 4.36
N PHE A 143 -26.50 -26.77 4.96
CA PHE A 143 -25.52 -27.72 4.43
C PHE A 143 -25.83 -28.12 3.00
N ASN A 144 -27.11 -28.47 2.72
CA ASN A 144 -27.54 -28.75 1.35
C ASN A 144 -27.21 -27.59 0.40
N TYR A 145 -27.61 -26.38 0.78
CA TYR A 145 -27.31 -25.22 -0.06
C TYR A 145 -25.81 -25.06 -0.29
N ILE A 146 -25.00 -25.25 0.76
CA ILE A 146 -23.57 -25.01 0.63
C ILE A 146 -22.91 -26.09 -0.20
N CYS A 147 -23.33 -27.36 -0.02
CA CYS A 147 -22.84 -28.43 -0.89
C CYS A 147 -23.12 -28.13 -2.35
N ASN A 148 -24.34 -27.70 -2.66
CA ASN A 148 -24.68 -27.37 -4.05
C ASN A 148 -23.82 -26.20 -4.55
N HIS A 149 -23.65 -25.19 -3.71
CA HIS A 149 -22.78 -24.07 -4.07
C HIS A 149 -21.39 -24.56 -4.44
N VAL A 150 -20.78 -25.35 -3.54
CA VAL A 150 -19.41 -25.80 -3.76
C VAL A 150 -19.32 -26.58 -5.07
N LYS A 151 -20.25 -27.52 -5.28
CA LYS A 151 -20.16 -28.32 -6.50
C LYS A 151 -20.32 -27.46 -7.73
N TYR A 152 -21.26 -26.52 -7.70
CA TYR A 152 -21.47 -25.67 -8.87
C TYR A 152 -20.24 -24.79 -9.12
N ALA A 153 -19.73 -24.16 -8.06
CA ALA A 153 -18.62 -23.22 -8.23
C ALA A 153 -17.35 -23.95 -8.66
N THR A 154 -17.14 -25.17 -8.17
CA THR A 154 -15.92 -25.91 -8.50
C THR A 154 -15.93 -26.37 -9.96
N ASN A 155 -17.06 -26.94 -10.41
CA ASN A 155 -17.27 -27.22 -11.84
C ASN A 155 -16.09 -28.01 -12.42
N LYS A 156 -15.62 -29.00 -11.65
CA LYS A 156 -14.52 -29.88 -12.06
C LYS A 156 -13.24 -29.12 -12.40
N GLY A 157 -13.00 -27.98 -11.73
CA GLY A 157 -11.79 -27.19 -11.93
C GLY A 157 -11.98 -25.95 -12.78
N ASN A 158 -13.06 -25.88 -13.55
CA ASN A 158 -13.38 -24.68 -14.33
C ASN A 158 -14.24 -23.78 -13.45
N LEU A 159 -13.58 -23.09 -12.52
CA LEU A 159 -14.29 -22.48 -11.41
C LEU A 159 -15.22 -21.36 -11.88
N ARG A 160 -16.36 -21.24 -11.20
CA ARG A 160 -17.38 -20.26 -11.51
C ARG A 160 -17.72 -19.52 -10.23
N SER A 161 -17.80 -18.19 -10.31
CA SER A 161 -18.05 -17.39 -9.11
C SER A 161 -19.52 -17.47 -8.73
N ALA A 162 -19.78 -17.47 -7.42
CA ALA A 162 -21.12 -17.76 -6.93
C ALA A 162 -21.24 -17.23 -5.51
N ILE A 163 -22.48 -16.90 -5.14
CA ILE A 163 -22.83 -16.52 -3.78
C ILE A 163 -24.11 -17.26 -3.41
N THR A 164 -24.23 -17.67 -2.15
CA THR A 164 -25.47 -18.23 -1.62
C THR A 164 -25.93 -17.33 -0.48
N ILE A 165 -27.16 -16.84 -0.57
CA ILE A 165 -27.69 -15.86 0.37
C ILE A 165 -28.80 -16.52 1.20
N PHE A 166 -28.56 -16.62 2.51
CA PHE A 166 -29.48 -17.18 3.50
C PHE A 166 -30.34 -16.07 4.08
N PRO A 167 -31.40 -16.39 4.84
CA PRO A 167 -32.31 -15.35 5.31
C PRO A 167 -31.64 -14.19 6.03
N GLN A 168 -32.17 -12.99 5.80
CA GLN A 168 -31.65 -11.78 6.43
C GLN A 168 -31.94 -11.77 7.93
N ARG A 169 -31.17 -10.93 8.64
CA ARG A 169 -31.38 -10.70 10.05
C ARG A 169 -32.77 -10.13 10.30
N THR A 170 -33.34 -10.49 11.44
CA THR A 170 -34.63 -9.95 11.85
C THR A 170 -34.47 -9.13 13.12
N ASP A 171 -34.53 -9.78 14.29
CA ASP A 171 -34.34 -9.08 15.55
C ASP A 171 -32.93 -9.22 16.09
N GLY A 172 -32.03 -9.87 15.34
CA GLY A 172 -30.67 -10.08 15.79
C GLY A 172 -30.46 -11.30 16.65
N LYS A 173 -31.52 -11.96 17.10
CA LYS A 173 -31.42 -13.20 17.86
C LYS A 173 -31.76 -14.43 17.03
N HIS A 174 -32.04 -14.27 15.75
CA HIS A 174 -32.38 -15.40 14.90
C HIS A 174 -31.45 -15.47 13.68
N ASP A 175 -30.20 -15.05 13.86
CA ASP A 175 -29.29 -14.91 12.72
C ASP A 175 -28.92 -16.26 12.14
N PHE A 176 -28.80 -16.29 10.81
CA PHE A 176 -28.12 -17.37 10.12
C PHE A 176 -26.64 -17.01 10.05
N ARG A 177 -25.78 -17.95 10.39
CA ARG A 177 -24.34 -17.71 10.31
C ARG A 177 -23.64 -18.97 9.83
N VAL A 178 -22.62 -18.78 8.99
CA VAL A 178 -21.61 -19.81 8.80
C VAL A 178 -20.45 -19.49 9.74
N TRP A 179 -20.18 -20.39 10.68
CA TRP A 179 -19.12 -20.08 11.67
C TRP A 179 -17.73 -20.17 11.05
N ASN A 180 -17.58 -20.95 9.99
CA ASN A 180 -16.33 -21.00 9.24
C ASN A 180 -15.99 -19.64 8.64
N SER A 181 -14.69 -19.32 8.59
CA SER A 181 -14.27 -18.12 7.87
C SER A 181 -14.24 -18.36 6.37
N GLN A 182 -13.92 -19.58 5.93
CA GLN A 182 -14.13 -20.00 4.55
C GLN A 182 -14.79 -21.38 4.54
N LEU A 183 -15.50 -21.68 3.45
CA LEU A 183 -16.18 -22.98 3.36
C LEU A 183 -15.19 -24.13 3.39
N ILE A 184 -14.04 -23.98 2.71
CA ILE A 184 -12.99 -24.98 2.70
C ILE A 184 -11.74 -24.36 3.34
N ARG A 185 -11.31 -24.92 4.48
CA ARG A 185 -10.10 -24.50 5.18
C ARG A 185 -9.47 -25.72 5.85
N TYR A 186 -8.15 -25.66 6.05
CA TYR A 186 -7.47 -26.76 6.72
C TYR A 186 -7.38 -26.49 8.23
N ALA A 187 -7.52 -27.55 9.01
CA ALA A 187 -7.40 -27.46 10.45
C ALA A 187 -5.99 -27.06 10.85
N GLY A 188 -5.88 -26.45 12.02
CA GLY A 188 -4.60 -26.23 12.66
C GLY A 188 -4.64 -26.72 14.10
N TYR A 189 -3.59 -27.40 14.55
CA TYR A 189 -3.55 -27.99 15.88
C TYR A 189 -2.32 -27.49 16.62
N LYS A 190 -2.54 -26.80 17.74
CA LYS A 190 -1.44 -26.43 18.61
C LYS A 190 -1.04 -27.63 19.44
N GLN A 191 0.25 -27.92 19.47
CA GLN A 191 0.78 -29.06 20.21
C GLN A 191 1.16 -28.65 21.62
N PRO A 192 1.27 -29.63 22.54
CA PRO A 192 1.77 -29.32 23.89
C PRO A 192 3.13 -28.65 23.90
N ASP A 193 3.98 -28.89 22.89
CA ASP A 193 5.30 -28.28 22.84
C ASP A 193 5.32 -26.94 22.10
N GLY A 194 4.15 -26.34 21.87
CA GLY A 194 4.08 -25.01 21.29
C GLY A 194 4.07 -24.95 19.78
N SER A 195 4.54 -26.00 19.09
CA SER A 195 4.53 -26.01 17.63
C SER A 195 3.10 -26.18 17.11
N THR A 196 2.93 -25.92 15.82
CA THR A 196 1.62 -25.99 15.17
C THR A 196 1.64 -26.99 14.03
N LEU A 197 0.67 -27.91 14.03
CA LEU A 197 0.44 -28.82 12.92
C LEU A 197 -0.75 -28.31 12.10
N GLY A 198 -0.59 -28.30 10.78
CA GLY A 198 -1.62 -27.76 9.91
C GLY A 198 -1.52 -26.26 9.73
N ASP A 199 -2.67 -25.59 9.61
CA ASP A 199 -2.70 -24.19 9.25
C ASP A 199 -2.82 -23.34 10.51
N PRO A 200 -1.79 -22.57 10.88
CA PRO A 200 -1.87 -21.79 12.13
C PRO A 200 -3.00 -20.78 12.14
N ALA A 201 -3.39 -20.25 10.99
CA ALA A 201 -4.49 -19.30 10.93
C ALA A 201 -5.80 -19.84 11.52
N ASN A 202 -5.97 -21.16 11.57
CA ASN A 202 -7.27 -21.74 11.91
C ASN A 202 -7.28 -22.49 13.24
N VAL A 203 -6.31 -22.22 14.12
CA VAL A 203 -6.24 -22.97 15.38
C VAL A 203 -7.48 -22.73 16.23
N GLN A 204 -7.91 -21.48 16.36
CA GLN A 204 -9.04 -21.16 17.22
C GLN A 204 -10.32 -21.83 16.72
N PHE A 205 -10.59 -21.72 15.42
CA PHE A 205 -11.79 -22.33 14.87
C PHE A 205 -11.72 -23.85 14.98
N THR A 206 -10.53 -24.42 14.78
CA THR A 206 -10.34 -25.86 14.92
C THR A 206 -10.68 -26.32 16.33
N GLU A 207 -10.25 -25.55 17.35
CA GLU A 207 -10.55 -25.89 18.73
C GLU A 207 -12.05 -25.85 19.00
N ILE A 208 -12.76 -24.88 18.42
CA ILE A 208 -14.21 -24.80 18.57
C ILE A 208 -14.87 -26.05 18.00
N CYS A 209 -14.48 -26.43 16.77
CA CYS A 209 -15.05 -27.63 16.15
C CYS A 209 -14.85 -28.85 17.02
N ILE A 210 -13.63 -29.03 17.52
CA ILE A 210 -13.34 -30.16 18.41
C ILE A 210 -14.25 -30.15 19.62
N GLN A 211 -14.45 -28.96 20.20
CA GLN A 211 -15.32 -28.87 21.37
C GLN A 211 -16.75 -29.26 21.04
N GLN A 212 -17.19 -28.95 19.81
CA GLN A 212 -18.54 -29.27 19.38
C GLN A 212 -18.73 -30.73 19.02
N GLY A 213 -17.66 -31.52 19.02
CA GLY A 213 -17.76 -32.95 18.78
C GLY A 213 -16.95 -33.48 17.62
N TRP A 214 -16.26 -32.62 16.85
CA TRP A 214 -15.53 -33.10 15.69
C TRP A 214 -14.35 -33.97 16.11
N LYS A 215 -14.22 -35.14 15.47
CA LYS A 215 -13.08 -36.03 15.67
C LYS A 215 -12.00 -35.69 14.65
N PRO A 216 -10.95 -35.00 15.06
CA PRO A 216 -9.98 -34.49 14.10
C PRO A 216 -9.02 -35.57 13.64
N PRO A 217 -8.75 -35.68 12.34
CA PRO A 217 -7.71 -36.61 11.87
C PRO A 217 -6.34 -36.28 12.41
N ARG A 218 -6.10 -35.04 12.83
CA ARG A 218 -4.80 -34.58 13.32
C ARG A 218 -3.73 -34.79 12.25
N GLY A 219 -4.04 -34.33 11.03
CA GLY A 219 -3.12 -34.32 9.93
C GLY A 219 -2.72 -32.90 9.55
N ARG A 220 -1.92 -32.83 8.49
CA ARG A 220 -1.43 -31.55 8.00
C ARG A 220 -2.45 -30.82 7.13
N PHE A 221 -3.28 -31.55 6.39
CA PHE A 221 -4.26 -30.92 5.49
C PHE A 221 -5.63 -31.57 5.71
N ASP A 222 -6.20 -31.36 6.90
CA ASP A 222 -7.53 -31.85 7.25
C ASP A 222 -8.56 -30.79 6.90
N VAL A 223 -9.44 -31.08 5.93
CA VAL A 223 -10.51 -30.14 5.64
C VAL A 223 -11.41 -30.03 6.87
N LEU A 224 -11.73 -28.81 7.26
CA LEU A 224 -12.55 -28.58 8.45
C LEU A 224 -14.02 -28.88 8.16
N PRO A 225 -14.78 -29.30 9.17
CA PRO A 225 -16.23 -29.44 9.00
C PRO A 225 -16.88 -28.06 8.95
N LEU A 226 -18.06 -28.03 8.35
CA LEU A 226 -18.89 -26.84 8.39
C LEU A 226 -19.56 -26.75 9.75
N LEU A 227 -19.65 -25.54 10.29
CA LEU A 227 -20.29 -25.28 11.58
C LEU A 227 -21.36 -24.24 11.28
N LEU A 228 -22.62 -24.67 11.23
CA LEU A 228 -23.67 -23.90 10.58
C LEU A 228 -24.76 -23.55 11.59
N GLN A 229 -25.14 -22.27 11.60
CA GLN A 229 -26.15 -21.75 12.52
C GLN A 229 -27.34 -21.27 11.71
N ALA A 230 -28.51 -21.84 11.99
CA ALA A 230 -29.76 -21.46 11.33
C ALA A 230 -30.69 -20.82 12.35
N ASN A 231 -31.20 -19.63 12.03
CA ASN A 231 -32.31 -19.03 12.76
C ASN A 231 -31.97 -18.82 14.24
N GLY A 232 -30.71 -18.47 14.51
CA GLY A 232 -30.29 -18.20 15.87
C GLY A 232 -30.10 -19.41 16.76
N ASN A 233 -30.27 -20.63 16.25
CA ASN A 233 -30.05 -21.80 17.08
C ASN A 233 -28.56 -22.10 17.22
N ASP A 234 -28.25 -23.00 18.15
CA ASP A 234 -26.88 -23.46 18.28
C ASP A 234 -26.41 -24.05 16.95
N PRO A 235 -25.15 -23.85 16.63
CA PRO A 235 -24.63 -24.33 15.35
C PRO A 235 -24.42 -25.84 15.37
N GLU A 236 -24.40 -26.43 14.18
CA GLU A 236 -24.31 -27.87 14.02
C GLU A 236 -23.19 -28.21 13.05
N LEU A 237 -22.49 -29.31 13.33
CA LEU A 237 -21.35 -29.76 12.52
C LEU A 237 -21.82 -30.66 11.38
N PHE A 238 -21.20 -30.49 10.21
CA PHE A 238 -21.40 -31.35 9.04
C PHE A 238 -20.07 -31.57 8.35
N GLN A 239 -19.82 -32.78 7.84
CA GLN A 239 -18.63 -33.00 7.03
C GLN A 239 -18.95 -32.73 5.57
N ILE A 240 -18.17 -31.86 4.94
CA ILE A 240 -18.33 -31.70 3.49
C ILE A 240 -17.97 -33.00 2.81
N PRO A 241 -18.75 -33.50 1.86
CA PRO A 241 -18.35 -34.73 1.15
C PRO A 241 -17.01 -34.54 0.46
N PRO A 242 -16.02 -35.38 0.77
CA PRO A 242 -14.66 -35.12 0.27
C PRO A 242 -14.57 -35.04 -1.25
N GLU A 243 -15.45 -35.75 -1.98
CA GLU A 243 -15.41 -35.67 -3.43
C GLU A 243 -15.79 -34.30 -3.96
N LEU A 244 -16.37 -33.44 -3.13
CA LEU A 244 -16.67 -32.07 -3.54
C LEU A 244 -15.49 -31.12 -3.33
N VAL A 245 -14.45 -31.53 -2.62
CA VAL A 245 -13.34 -30.65 -2.25
C VAL A 245 -12.21 -30.90 -3.24
N LEU A 246 -12.11 -30.05 -4.26
CA LEU A 246 -11.04 -30.20 -5.24
C LEU A 246 -9.73 -29.64 -4.68
N GLU A 247 -8.65 -30.42 -4.78
CA GLU A 247 -7.35 -30.03 -4.24
C GLU A 247 -6.28 -30.20 -5.31
N VAL A 248 -5.19 -29.46 -5.14
CA VAL A 248 -4.10 -29.42 -6.10
C VAL A 248 -2.79 -29.74 -5.39
N PRO A 249 -2.12 -30.84 -5.72
CA PRO A 249 -0.78 -31.07 -5.15
C PRO A 249 0.21 -30.09 -5.75
N ILE A 250 1.03 -29.47 -4.89
CA ILE A 250 1.93 -28.42 -5.35
C ILE A 250 3.26 -29.05 -5.73
N ARG A 251 3.65 -28.89 -6.99
CA ARG A 251 4.93 -29.32 -7.50
C ARG A 251 5.53 -28.19 -8.32
N HIS A 252 6.79 -28.36 -8.71
CA HIS A 252 7.54 -27.27 -9.33
C HIS A 252 8.04 -27.70 -10.70
N PRO A 253 8.01 -26.82 -11.70
CA PRO A 253 8.37 -27.26 -13.06
C PRO A 253 9.83 -27.65 -13.23
N LYS A 254 10.72 -27.27 -12.33
CA LYS A 254 12.12 -27.60 -12.50
C LYS A 254 12.71 -28.30 -11.30
N PHE A 255 12.20 -28.04 -10.10
CA PHE A 255 12.76 -28.63 -8.88
C PHE A 255 12.05 -29.94 -8.59
N GLU A 256 12.72 -31.04 -8.90
CA GLU A 256 12.16 -32.37 -8.66
C GLU A 256 11.72 -32.53 -7.20
N TRP A 257 12.51 -31.96 -6.29
CA TRP A 257 12.30 -32.18 -4.86
C TRP A 257 11.11 -31.43 -4.29
N PHE A 258 10.51 -30.51 -5.04
CA PHE A 258 9.47 -29.67 -4.47
C PHE A 258 8.25 -30.49 -4.07
N LYS A 259 7.90 -31.51 -4.87
CA LYS A 259 6.78 -32.36 -4.50
C LYS A 259 7.03 -33.08 -3.18
N ASP A 260 8.30 -33.32 -2.84
CA ASP A 260 8.66 -34.04 -1.61
C ASP A 260 8.34 -33.25 -0.35
N LEU A 261 8.05 -31.95 -0.47
CA LEU A 261 7.52 -31.16 0.64
C LEU A 261 6.10 -31.57 1.04
N GLY A 262 5.40 -32.32 0.18
CA GLY A 262 4.06 -32.78 0.53
C GLY A 262 3.02 -31.69 0.61
N LEU A 263 3.21 -30.60 -0.11
CA LEU A 263 2.28 -29.48 -0.05
C LEU A 263 1.13 -29.68 -1.02
N LYS A 264 -0.05 -29.25 -0.60
CA LYS A 264 -1.19 -29.14 -1.50
C LYS A 264 -2.08 -28.01 -1.00
N TRP A 265 -3.05 -27.63 -1.83
CA TRP A 265 -4.00 -26.60 -1.46
C TRP A 265 -5.33 -26.93 -2.12
N TYR A 266 -6.38 -26.28 -1.64
CA TYR A 266 -7.70 -26.48 -2.22
C TYR A 266 -7.96 -25.45 -3.31
N GLY A 267 -8.82 -25.83 -4.27
CA GLY A 267 -9.00 -25.04 -5.46
C GLY A 267 -9.93 -23.85 -5.30
N LEU A 268 -10.82 -23.89 -4.31
CA LEU A 268 -11.97 -23.00 -4.28
C LEU A 268 -11.90 -22.05 -3.09
N PRO A 269 -11.65 -20.74 -3.30
CA PRO A 269 -11.68 -19.80 -2.18
C PRO A 269 -13.09 -19.29 -1.97
N ALA A 270 -13.67 -19.54 -0.79
CA ALA A 270 -15.09 -19.30 -0.55
C ALA A 270 -15.25 -18.67 0.83
N VAL A 271 -15.23 -17.35 0.87
CA VAL A 271 -15.28 -16.62 2.14
C VAL A 271 -16.71 -16.63 2.69
N SER A 272 -16.84 -16.97 3.96
CA SER A 272 -18.15 -17.27 4.51
C SER A 272 -18.46 -16.53 5.80
N ASN A 273 -17.64 -15.58 6.24
CA ASN A 273 -17.88 -14.90 7.51
C ASN A 273 -18.23 -13.43 7.33
N MET A 274 -18.51 -12.97 6.12
CA MET A 274 -18.81 -11.57 5.91
C MET A 274 -20.31 -11.35 5.87
N LEU A 275 -20.71 -10.09 6.03
CA LEU A 275 -22.10 -9.68 6.02
C LEU A 275 -22.40 -8.93 4.73
N LEU A 276 -23.52 -9.27 4.09
CA LEU A 276 -23.95 -8.58 2.87
C LEU A 276 -25.04 -7.59 3.23
N GLU A 277 -24.83 -6.33 2.90
CA GLU A 277 -25.77 -5.25 3.20
C GLU A 277 -26.38 -4.78 1.89
N ILE A 278 -27.70 -4.91 1.78
CA ILE A 278 -28.46 -4.44 0.61
C ILE A 278 -29.66 -3.66 1.12
N GLY A 279 -29.72 -2.37 0.78
CA GLY A 279 -30.87 -1.54 1.11
C GLY A 279 -31.22 -1.53 2.59
N GLY A 280 -30.22 -1.56 3.45
CA GLY A 280 -30.43 -1.60 4.88
C GLY A 280 -30.70 -2.98 5.42
N LEU A 281 -30.97 -3.96 4.57
CA LEU A 281 -31.14 -5.33 5.02
C LEU A 281 -29.78 -5.99 5.20
N GLU A 282 -29.71 -6.93 6.15
CA GLU A 282 -28.45 -7.52 6.59
C GLU A 282 -28.49 -9.03 6.40
N PHE A 283 -27.67 -9.53 5.48
CA PHE A 283 -27.56 -10.95 5.21
C PHE A 283 -26.27 -11.44 5.85
N SER A 284 -26.40 -11.98 7.07
CA SER A 284 -25.29 -12.36 7.92
C SER A 284 -24.65 -13.67 7.51
N ALA A 285 -25.29 -14.43 6.62
CA ALA A 285 -24.74 -15.68 6.09
C ALA A 285 -24.84 -15.59 4.57
N CYS A 286 -23.70 -15.37 3.93
CA CYS A 286 -23.72 -15.15 2.50
C CYS A 286 -22.44 -15.62 1.82
N PRO A 287 -22.10 -16.91 1.90
CA PRO A 287 -20.80 -17.33 1.38
C PRO A 287 -20.67 -17.08 -0.12
N PHE A 288 -19.52 -16.57 -0.52
CA PHE A 288 -19.25 -16.23 -1.90
C PHE A 288 -17.86 -16.74 -2.28
N SER A 289 -17.71 -17.11 -3.53
CA SER A 289 -16.51 -17.79 -3.99
C SER A 289 -16.15 -17.33 -5.39
N GLY A 290 -14.84 -17.31 -5.67
CA GLY A 290 -14.37 -17.07 -7.01
C GLY A 290 -13.29 -18.06 -7.38
N TRP A 291 -12.10 -17.56 -7.73
CA TRP A 291 -10.93 -18.39 -7.92
C TRP A 291 -9.73 -17.62 -7.39
N TYR A 292 -8.63 -18.33 -7.23
CA TYR A 292 -7.49 -17.79 -6.52
C TYR A 292 -6.62 -16.93 -7.43
N MET A 293 -6.04 -15.88 -6.85
CA MET A 293 -4.80 -15.30 -7.35
C MET A 293 -3.66 -16.06 -6.66
N GLY A 294 -2.64 -16.45 -7.45
CA GLY A 294 -1.63 -17.37 -6.94
C GLY A 294 -0.98 -16.91 -5.64
N THR A 295 -0.75 -15.61 -5.51
CA THR A 295 -0.05 -15.09 -4.33
C THR A 295 -0.88 -15.23 -3.06
N GLU A 296 -2.20 -15.36 -3.18
CA GLU A 296 -2.99 -15.65 -1.98
C GLU A 296 -2.56 -16.96 -1.37
N ILE A 297 -2.20 -17.94 -2.20
CA ILE A 297 -1.68 -19.20 -1.69
C ILE A 297 -0.17 -19.13 -1.49
N GLY A 298 0.54 -18.67 -2.53
CA GLY A 298 1.98 -18.86 -2.59
C GLY A 298 2.77 -17.88 -1.75
N VAL A 299 2.23 -16.70 -1.52
CA VAL A 299 2.87 -15.70 -0.68
C VAL A 299 2.30 -15.72 0.74
N ARG A 300 0.99 -15.58 0.87
CA ARG A 300 0.40 -15.40 2.19
C ARG A 300 0.13 -16.73 2.89
N ASP A 301 -0.50 -17.68 2.17
CA ASP A 301 -0.88 -18.95 2.80
C ASP A 301 0.31 -19.86 3.09
N TYR A 302 1.44 -19.66 2.42
CA TYR A 302 2.61 -20.52 2.63
C TYR A 302 3.77 -19.85 3.34
N CYS A 303 3.97 -18.53 3.13
CA CYS A 303 5.19 -17.87 3.56
C CYS A 303 5.02 -16.87 4.69
N ASP A 304 3.79 -16.47 5.03
CA ASP A 304 3.58 -15.70 6.25
C ASP A 304 4.15 -16.46 7.44
N ASN A 305 4.77 -15.74 8.37
CA ASN A 305 5.36 -16.39 9.53
C ASN A 305 4.30 -17.08 10.37
N SER A 306 3.13 -16.46 10.52
CA SER A 306 2.01 -17.05 11.23
C SER A 306 1.12 -17.90 10.32
N ARG A 307 1.68 -18.42 9.22
CA ARG A 307 0.99 -19.39 8.40
C ARG A 307 1.87 -20.62 8.20
N TYR A 308 1.92 -21.18 6.99
CA TYR A 308 2.64 -22.45 6.84
C TYR A 308 4.15 -22.26 6.92
N ASN A 309 4.67 -21.11 6.49
CA ASN A 309 6.05 -20.68 6.81
C ASN A 309 7.10 -21.64 6.25
N ILE A 310 7.04 -21.90 4.94
CA ILE A 310 7.91 -22.89 4.30
C ILE A 310 9.09 -22.23 3.61
N LEU A 311 9.31 -20.93 3.81
CA LEU A 311 10.43 -20.25 3.17
C LEU A 311 11.76 -20.90 3.51
N GLU A 312 11.99 -21.14 4.81
CA GLU A 312 13.24 -21.76 5.24
C GLU A 312 13.49 -23.08 4.53
N GLU A 313 12.50 -24.00 4.58
CA GLU A 313 12.74 -25.32 4.03
C GLU A 313 12.97 -25.27 2.53
N VAL A 314 12.27 -24.38 1.82
CA VAL A 314 12.51 -24.25 0.38
C VAL A 314 13.91 -23.70 0.13
N ALA A 315 14.28 -22.61 0.83
CA ALA A 315 15.59 -22.02 0.62
C ALA A 315 16.71 -23.01 0.92
N LYS A 316 16.54 -23.85 1.94
CA LYS A 316 17.54 -24.89 2.22
C LYS A 316 17.68 -25.83 1.03
N LYS A 317 16.55 -26.32 0.50
CA LYS A 317 16.60 -27.22 -0.65
C LYS A 317 17.16 -26.55 -1.89
N MET A 318 17.08 -25.23 -1.98
CA MET A 318 17.71 -24.49 -3.07
C MET A 318 19.18 -24.19 -2.79
N ASN A 319 19.68 -24.54 -1.61
CA ASN A 319 21.07 -24.31 -1.20
C ASN A 319 21.45 -22.83 -1.30
N LEU A 320 20.57 -21.98 -0.77
CA LEU A 320 20.85 -20.55 -0.71
C LEU A 320 21.61 -20.21 0.56
N ASP A 321 22.42 -19.15 0.50
CA ASP A 321 23.03 -18.64 1.73
C ASP A 321 21.95 -17.96 2.56
N MET A 322 21.66 -18.51 3.72
CA MET A 322 20.59 -18.01 4.58
C MET A 322 21.12 -17.28 5.81
N ARG A 323 22.42 -17.01 5.87
CA ARG A 323 23.01 -16.41 7.06
C ARG A 323 23.00 -14.88 7.04
N LYS A 324 22.63 -14.25 5.93
CA LYS A 324 22.40 -12.81 5.92
C LYS A 324 21.24 -12.51 4.99
N THR A 325 20.44 -11.50 5.37
CA THR A 325 19.27 -11.13 4.57
C THR A 325 19.67 -10.61 3.20
N SER A 326 20.80 -9.90 3.10
CA SER A 326 21.15 -9.20 1.86
C SER A 326 21.43 -10.14 0.69
N SER A 327 21.49 -11.46 0.91
CA SER A 327 21.52 -12.38 -0.22
C SER A 327 20.15 -12.55 -0.86
N LEU A 328 19.11 -11.97 -0.25
CA LEU A 328 17.73 -12.08 -0.72
C LEU A 328 17.30 -13.53 -0.90
N TRP A 329 17.77 -14.42 -0.02
CA TRP A 329 17.34 -15.80 -0.09
C TRP A 329 15.83 -15.93 0.11
N LYS A 330 15.25 -15.11 1.00
CA LYS A 330 13.80 -15.16 1.18
C LYS A 330 13.10 -14.78 -0.11
N ASP A 331 13.59 -13.73 -0.79
CA ASP A 331 12.95 -13.29 -2.03
C ASP A 331 13.04 -14.38 -3.09
N GLN A 332 14.20 -15.02 -3.20
CA GLN A 332 14.39 -16.08 -4.19
C GLN A 332 13.44 -17.24 -3.96
N ALA A 333 13.33 -17.69 -2.71
CA ALA A 333 12.45 -18.80 -2.37
C ALA A 333 10.99 -18.45 -2.62
N LEU A 334 10.58 -17.23 -2.27
CA LEU A 334 9.19 -16.82 -2.43
C LEU A 334 8.76 -16.89 -3.89
N VAL A 335 9.65 -16.49 -4.80
CA VAL A 335 9.32 -16.53 -6.23
C VAL A 335 9.13 -17.97 -6.69
N GLU A 336 9.98 -18.88 -6.22
CA GLU A 336 9.89 -20.26 -6.68
C GLU A 336 8.63 -20.95 -6.14
N ILE A 337 8.28 -20.67 -4.89
CA ILE A 337 7.03 -21.17 -4.32
C ILE A 337 5.85 -20.70 -5.16
N ASN A 338 5.86 -19.42 -5.56
CA ASN A 338 4.74 -18.92 -6.33
C ASN A 338 4.75 -19.45 -7.75
N ILE A 339 5.94 -19.77 -8.29
CA ILE A 339 6.01 -20.45 -9.58
C ILE A 339 5.37 -21.83 -9.48
N ALA A 340 5.74 -22.60 -8.44
CA ALA A 340 5.17 -23.93 -8.23
C ALA A 340 3.65 -23.88 -8.10
N VAL A 341 3.13 -22.93 -7.33
CA VAL A 341 1.67 -22.86 -7.11
C VAL A 341 0.94 -22.72 -8.44
N LEU A 342 1.38 -21.77 -9.27
CA LEU A 342 0.71 -21.51 -10.54
C LEU A 342 0.86 -22.69 -11.49
N TYR A 343 2.05 -23.29 -11.54
CA TYR A 343 2.28 -24.42 -12.44
C TYR A 343 1.40 -25.62 -12.05
N SER A 344 1.18 -25.80 -10.74
CA SER A 344 0.41 -26.95 -10.29
C SER A 344 -1.07 -26.80 -10.63
N PHE A 345 -1.65 -25.63 -10.33
CA PHE A 345 -3.05 -25.37 -10.70
C PHE A 345 -3.24 -25.48 -12.21
N GLN A 346 -2.33 -24.86 -12.97
CA GLN A 346 -2.45 -24.89 -14.42
C GLN A 346 -2.33 -26.32 -14.95
N SER A 347 -1.40 -27.09 -14.40
CA SER A 347 -1.21 -28.46 -14.89
C SER A 347 -2.44 -29.32 -14.61
N ASP A 348 -3.14 -29.04 -13.51
CA ASP A 348 -4.35 -29.78 -13.16
C ASP A 348 -5.60 -29.11 -13.73
N LYS A 349 -5.44 -28.07 -14.56
CA LYS A 349 -6.57 -27.37 -15.17
C LYS A 349 -7.56 -26.87 -14.13
N VAL A 350 -7.02 -26.33 -13.04
CA VAL A 350 -7.83 -25.64 -12.05
C VAL A 350 -7.63 -24.15 -12.26
N THR A 351 -8.73 -23.40 -12.32
CA THR A 351 -8.65 -21.97 -12.61
C THR A 351 -7.83 -21.25 -11.53
N ILE A 352 -6.88 -20.42 -11.99
CA ILE A 352 -6.06 -19.57 -11.12
C ILE A 352 -5.58 -18.41 -11.98
N VAL A 353 -5.25 -17.28 -11.34
CA VAL A 353 -4.72 -16.13 -12.06
C VAL A 353 -3.44 -15.67 -11.36
N ASP A 354 -2.41 -15.38 -12.16
CA ASP A 354 -1.20 -14.81 -11.58
C ASP A 354 -1.40 -13.32 -11.35
N HIS A 355 -0.50 -12.74 -10.54
CA HIS A 355 -0.69 -11.35 -10.11
C HIS A 355 -0.41 -10.33 -11.21
N HIS A 356 0.37 -10.69 -12.23
CA HIS A 356 0.54 -9.80 -13.37
C HIS A 356 -0.75 -9.69 -14.17
N SER A 357 -1.33 -10.84 -14.55
CA SER A 357 -2.58 -10.81 -15.31
CA SER A 357 -2.59 -10.82 -15.30
C SER A 357 -3.70 -10.16 -14.51
N ALA A 358 -3.81 -10.50 -13.21
CA ALA A 358 -4.93 -9.99 -12.41
C ALA A 358 -4.88 -8.48 -12.28
N THR A 359 -3.69 -7.92 -12.03
CA THR A 359 -3.57 -6.47 -11.88
C THR A 359 -3.71 -5.75 -13.22
N GLU A 360 -3.27 -6.36 -14.32
CA GLU A 360 -3.52 -5.74 -15.62
C GLU A 360 -5.02 -5.72 -15.90
N SER A 361 -5.72 -6.81 -15.56
CA SER A 361 -7.16 -6.82 -15.75
C SER A 361 -7.85 -5.78 -14.89
N PHE A 362 -7.37 -5.59 -13.65
CA PHE A 362 -8.03 -4.63 -12.76
C PHE A 362 -7.89 -3.20 -13.29
N ILE A 363 -6.74 -2.87 -13.85
CA ILE A 363 -6.55 -1.53 -14.42
C ILE A 363 -7.52 -1.28 -15.56
N LYS A 364 -7.61 -2.22 -16.50
CA LYS A 364 -8.61 -2.13 -17.57
C LYS A 364 -10.00 -2.01 -16.99
N HIS A 365 -10.31 -2.83 -15.97
CA HIS A 365 -11.62 -2.73 -15.30
C HIS A 365 -11.82 -1.34 -14.70
N MET A 366 -10.82 -0.85 -13.97
CA MET A 366 -10.94 0.44 -13.31
C MET A 366 -11.16 1.56 -14.34
N GLU A 367 -10.43 1.53 -15.45
CA GLU A 367 -10.66 2.56 -16.48
C GLU A 367 -12.07 2.44 -17.06
N ASN A 368 -12.53 1.23 -17.29
CA ASN A 368 -13.88 1.06 -17.82
C ASN A 368 -14.93 1.59 -16.84
N GLU A 369 -14.73 1.36 -15.54
CA GLU A 369 -15.67 1.85 -14.52
C GLU A 369 -15.67 3.37 -14.42
N TYR A 370 -14.49 4.00 -14.51
CA TYR A 370 -14.48 5.46 -14.53
C TYR A 370 -15.25 5.97 -15.73
N ARG A 371 -15.08 5.31 -16.88
CA ARG A 371 -15.73 5.71 -18.11
C ARG A 371 -17.25 5.62 -18.02
N CYS A 372 -17.75 4.45 -17.60
CA CYS A 372 -19.16 4.11 -17.66
CA CYS A 372 -19.18 4.22 -17.69
C CYS A 372 -19.92 4.41 -16.37
N ARG A 373 -19.24 4.33 -15.23
CA ARG A 373 -19.88 4.56 -13.94
C ARG A 373 -19.48 5.87 -13.27
N GLY A 374 -18.38 6.49 -13.70
CA GLY A 374 -17.88 7.68 -13.05
C GLY A 374 -16.95 7.45 -11.89
N GLY A 375 -16.43 6.24 -11.72
CA GLY A 375 -15.43 5.97 -10.71
C GLY A 375 -15.39 4.50 -10.34
N CYS A 376 -14.42 4.17 -9.47
CA CYS A 376 -14.23 2.80 -9.00
C CYS A 376 -13.49 2.83 -7.67
N PRO A 377 -14.19 2.68 -6.54
CA PRO A 377 -13.48 2.69 -5.25
C PRO A 377 -12.44 1.58 -5.23
N ALA A 378 -11.22 1.93 -4.82
CA ALA A 378 -10.16 0.94 -4.82
C ALA A 378 -9.20 1.22 -3.67
N ASP A 379 -8.81 0.16 -2.97
CA ASP A 379 -7.95 0.22 -1.78
C ASP A 379 -6.54 -0.22 -2.17
N TRP A 380 -5.68 0.75 -2.49
CA TRP A 380 -4.34 0.46 -2.96
C TRP A 380 -3.61 -0.54 -2.05
N VAL A 381 -3.71 -0.31 -0.74
CA VAL A 381 -3.04 -1.18 0.25
C VAL A 381 -3.41 -2.65 0.07
N TRP A 382 -4.63 -2.94 -0.37
CA TRP A 382 -5.06 -4.32 -0.61
C TRP A 382 -4.95 -4.73 -2.07
N ILE A 383 -5.07 -3.79 -3.00
CA ILE A 383 -5.05 -4.13 -4.42
C ILE A 383 -3.64 -4.53 -4.86
N VAL A 384 -2.61 -3.83 -4.38
CA VAL A 384 -1.25 -4.16 -4.81
C VAL A 384 -0.85 -5.53 -4.26
N PRO A 385 -0.33 -6.42 -5.08
CA PRO A 385 -0.06 -7.78 -4.64
C PRO A 385 1.06 -7.83 -3.62
N PRO A 386 1.11 -8.89 -2.80
CA PRO A 386 2.08 -8.96 -1.71
C PRO A 386 3.51 -9.30 -2.14
N MET A 387 3.79 -9.45 -3.42
CA MET A 387 5.16 -9.50 -3.88
C MET A 387 5.25 -8.72 -5.18
N SER A 388 6.46 -8.26 -5.51
CA SER A 388 6.74 -7.64 -6.79
C SER A 388 5.79 -6.48 -7.09
N GLY A 389 5.42 -5.72 -6.05
CA GLY A 389 4.45 -4.65 -6.22
C GLY A 389 4.71 -3.74 -7.41
N SER A 390 5.91 -3.18 -7.49
CA SER A 390 6.14 -2.12 -8.46
C SER A 390 6.31 -2.64 -9.89
N ILE A 391 6.42 -3.95 -10.11
CA ILE A 391 6.40 -4.42 -11.49
C ILE A 391 5.00 -4.79 -11.94
N THR A 392 3.96 -4.51 -11.10
CA THR A 392 2.58 -4.67 -11.53
C THR A 392 1.98 -3.29 -11.78
N PRO A 393 1.03 -3.17 -12.72
CA PRO A 393 0.55 -1.83 -13.10
C PRO A 393 -0.24 -1.13 -12.01
N VAL A 394 -0.67 -1.82 -10.96
CA VAL A 394 -1.47 -1.13 -9.96
C VAL A 394 -0.60 -0.29 -9.02
N PHE A 395 0.68 -0.61 -8.91
CA PHE A 395 1.56 0.13 -8.02
C PHE A 395 1.57 1.62 -8.36
N HIS A 396 1.66 1.95 -9.65
CA HIS A 396 1.76 3.33 -10.09
C HIS A 396 0.41 4.01 -10.28
N GLN A 397 -0.70 3.32 -9.99
CA GLN A 397 -2.04 3.85 -10.20
C GLN A 397 -2.53 4.51 -8.92
N GLU A 398 -2.81 5.81 -8.98
CA GLU A 398 -3.51 6.44 -7.87
C GLU A 398 -4.94 5.89 -7.81
N MET A 399 -5.48 5.81 -6.60
CA MET A 399 -6.81 5.25 -6.38
C MET A 399 -7.53 6.11 -5.34
N LEU A 400 -8.84 6.10 -5.41
CA LEU A 400 -9.68 6.74 -4.42
C LEU A 400 -10.45 5.65 -3.71
N ASN A 401 -10.46 5.69 -2.38
CA ASN A 401 -11.16 4.67 -1.61
C ASN A 401 -12.35 5.30 -0.92
N TYR A 402 -13.53 4.72 -1.13
CA TYR A 402 -14.74 5.15 -0.48
C TYR A 402 -15.72 4.00 -0.46
N ARG A 403 -16.74 4.12 0.37
CA ARG A 403 -17.62 3.00 0.70
C ARG A 403 -18.96 3.22 0.01
N LEU A 404 -19.25 2.38 -0.99
CA LEU A 404 -20.58 2.38 -1.60
C LEU A 404 -21.39 1.18 -1.10
N THR A 405 -22.73 1.33 -1.09
CA THR A 405 -23.68 0.27 -0.78
CA THR A 405 -23.66 0.25 -0.79
C THR A 405 -24.48 -0.08 -2.04
N PRO A 406 -24.86 -1.37 -2.23
CA PRO A 406 -24.64 -2.60 -1.44
C PRO A 406 -23.18 -2.91 -1.15
N SER A 407 -22.92 -3.59 -0.04
CA SER A 407 -21.53 -3.81 0.35
C SER A 407 -21.40 -5.09 1.18
N PHE A 408 -20.21 -5.65 1.11
CA PHE A 408 -19.78 -6.71 2.01
C PHE A 408 -19.05 -6.07 3.17
N GLU A 409 -19.41 -6.47 4.38
CA GLU A 409 -18.87 -5.88 5.61
C GLU A 409 -18.33 -6.97 6.51
N TYR A 410 -17.37 -6.57 7.34
CA TYR A 410 -16.96 -7.43 8.43
C TYR A 410 -18.05 -7.49 9.49
N GLN A 411 -18.10 -8.60 10.19
CA GLN A 411 -19.00 -8.76 11.32
C GLN A 411 -18.26 -9.52 12.41
N PRO A 412 -18.68 -9.35 13.66
CA PRO A 412 -18.01 -10.05 14.77
C PRO A 412 -18.11 -11.57 14.60
N ASP A 413 -17.10 -12.26 15.11
CA ASP A 413 -17.14 -13.72 15.13
C ASP A 413 -18.35 -14.19 15.94
N PRO A 414 -19.07 -15.21 15.46
CA PRO A 414 -20.34 -15.56 16.11
C PRO A 414 -20.17 -16.18 17.48
N TRP A 415 -19.04 -16.84 17.76
CA TRP A 415 -18.86 -17.39 19.09
C TRP A 415 -18.70 -16.31 20.15
N ASN A 416 -18.37 -15.08 19.75
CA ASN A 416 -18.25 -14.02 20.75
C ASN A 416 -19.60 -13.42 21.12
N THR A 417 -20.62 -13.59 20.28
CA THR A 417 -21.93 -13.00 20.53
C THR A 417 -23.03 -14.02 20.79
N HIS A 418 -22.87 -15.27 20.35
CA HIS A 418 -23.97 -16.22 20.36
C HIS A 418 -24.41 -16.54 21.78
N VAL A 419 -25.72 -16.60 21.96
CA VAL A 419 -26.34 -16.95 23.24
C VAL A 419 -26.67 -18.43 23.17
N TRP A 420 -25.91 -19.26 23.88
CA TRP A 420 -26.06 -20.71 23.76
C TRP A 420 -27.41 -21.15 24.32
N LYS A 421 -28.07 -22.06 23.60
CA LYS A 421 -29.36 -22.58 24.02
C LYS A 421 -29.16 -23.57 25.16
N PRO B 2 -11.26 13.34 19.12
CA PRO B 2 -9.87 13.24 19.59
C PRO B 2 -9.67 12.15 20.64
N ARG B 3 -9.13 11.01 20.21
CA ARG B 3 -8.85 9.89 21.10
C ARG B 3 -7.45 9.38 20.82
N PHE B 4 -6.93 8.62 21.77
CA PHE B 4 -5.77 7.79 21.49
C PHE B 4 -6.17 6.76 20.45
N LEU B 5 -5.31 6.54 19.46
CA LEU B 5 -5.59 5.58 18.41
C LEU B 5 -4.59 4.44 18.51
N LYS B 6 -5.08 3.22 18.38
CA LYS B 6 -4.23 2.03 18.45
C LYS B 6 -3.80 1.64 17.04
N VAL B 7 -2.56 1.19 16.92
CA VAL B 7 -2.06 0.56 15.72
C VAL B 7 -1.58 -0.83 16.12
N LYS B 8 -1.91 -1.82 15.30
CA LYS B 8 -1.59 -3.20 15.62
C LYS B 8 -0.65 -3.77 14.58
N ASN B 9 0.28 -4.58 15.03
CA ASN B 9 1.07 -5.42 14.13
C ASN B 9 0.41 -6.79 14.10
N TRP B 10 -0.14 -7.16 12.96
CA TRP B 10 -0.93 -8.37 12.87
C TRP B 10 -0.08 -9.63 12.89
N GLU B 11 1.23 -9.49 12.82
CA GLU B 11 2.15 -10.62 12.88
C GLU B 11 2.68 -10.85 14.29
N THR B 12 3.10 -9.78 14.98
CA THR B 12 3.60 -9.87 16.35
C THR B 12 2.53 -9.59 17.40
N GLU B 13 1.36 -9.11 17.00
CA GLU B 13 0.28 -8.68 17.88
C GLU B 13 0.67 -7.51 18.80
N VAL B 14 1.80 -6.85 18.55
CA VAL B 14 2.13 -5.64 19.31
C VAL B 14 1.12 -4.55 18.98
N VAL B 15 0.62 -3.88 20.01
CA VAL B 15 -0.33 -2.79 19.86
C VAL B 15 0.28 -1.51 20.45
N LEU B 16 0.44 -0.49 19.61
CA LEU B 16 0.95 0.80 20.03
C LEU B 16 -0.17 1.82 20.07
N THR B 17 -0.03 2.82 20.94
CA THR B 17 -1.06 3.82 21.16
C THR B 17 -0.53 5.18 20.73
N ASP B 18 -1.22 5.81 19.78
CA ASP B 18 -0.77 7.05 19.17
C ASP B 18 -1.44 8.24 19.84
N THR B 19 -0.65 9.09 20.50
CA THR B 19 -1.14 10.36 20.98
C THR B 19 -0.61 11.54 20.17
N LEU B 20 0.49 11.33 19.45
CA LEU B 20 1.16 12.41 18.74
C LEU B 20 0.27 13.02 17.66
N HIS B 21 -0.60 12.22 17.05
CA HIS B 21 -1.42 12.73 15.95
C HIS B 21 -2.31 13.88 16.38
N LEU B 22 -2.57 14.03 17.68
CA LEU B 22 -3.37 15.15 18.16
C LEU B 22 -2.65 16.48 18.03
N LYS B 23 -1.32 16.47 17.94
CA LYS B 23 -0.54 17.69 17.74
C LYS B 23 -0.48 18.10 16.27
N SER B 24 -0.91 17.22 15.37
CA SER B 24 -0.92 17.53 13.95
C SER B 24 -1.87 18.70 13.66
N THR B 25 -1.43 19.60 12.78
CA THR B 25 -2.25 20.73 12.38
C THR B 25 -2.42 20.88 10.89
N LEU B 26 -1.57 20.28 10.07
CA LEU B 26 -1.76 20.31 8.63
C LEU B 26 -2.66 19.17 8.18
N GLU B 27 -3.17 19.28 6.95
CA GLU B 27 -4.15 18.34 6.42
C GLU B 27 -3.48 17.23 5.61
N THR B 28 -4.19 16.10 5.51
CA THR B 28 -3.71 14.92 4.80
C THR B 28 -4.25 14.81 3.38
N GLY B 29 -5.40 15.39 3.09
CA GLY B 29 -6.09 15.20 1.84
C GLY B 29 -7.27 14.25 1.91
N CYS B 30 -7.36 13.44 2.98
CA CYS B 30 -8.49 12.54 3.15
C CYS B 30 -9.67 13.28 3.78
N THR B 31 -10.84 12.65 3.71
CA THR B 31 -12.03 13.09 4.44
C THR B 31 -12.65 11.90 5.13
N GLU B 32 -13.73 12.16 5.88
CA GLU B 32 -14.50 11.07 6.46
C GLU B 32 -15.00 10.12 5.39
N TYR B 33 -15.21 10.62 4.17
CA TYR B 33 -15.88 9.87 3.12
C TYR B 33 -14.95 9.35 2.04
N ILE B 34 -13.79 9.96 1.84
CA ILE B 34 -12.89 9.52 0.79
C ILE B 34 -11.47 9.51 1.32
N CYS B 35 -10.78 8.38 1.19
CA CYS B 35 -9.38 8.25 1.56
C CYS B 35 -8.52 8.44 0.32
N MET B 36 -7.52 9.31 0.43
CA MET B 36 -6.61 9.59 -0.68
C MET B 36 -5.20 9.11 -0.40
N GLY B 37 -5.07 8.07 0.41
CA GLY B 37 -3.77 7.58 0.82
C GLY B 37 -2.85 7.18 -0.31
N SER B 38 -3.38 6.91 -1.50
CA SER B 38 -2.50 6.55 -2.62
C SER B 38 -2.30 7.69 -3.60
N ILE B 39 -2.79 8.89 -3.29
CA ILE B 39 -2.56 10.06 -4.13
C ILE B 39 -1.16 10.59 -3.82
N MET B 40 -0.36 10.84 -4.86
CA MET B 40 1.01 11.25 -4.60
C MET B 40 1.07 12.65 -4.00
N HIS B 41 0.33 13.61 -4.56
CA HIS B 41 0.33 15.01 -4.10
C HIS B 41 -1.09 15.49 -3.83
N PRO B 42 -1.65 15.16 -2.68
CA PRO B 42 -3.00 15.64 -2.37
C PRO B 42 -3.00 17.07 -1.84
N SER B 43 -4.13 17.51 -1.31
CA SER B 43 -4.24 18.83 -0.70
C SER B 43 -5.49 18.91 0.18
N ALA B 53 3.77 33.23 2.31
CA ALA B 53 3.12 33.64 3.55
C ALA B 53 3.26 35.15 3.77
N THR B 54 2.41 35.68 4.64
CA THR B 54 2.40 37.10 4.96
C THR B 54 2.84 37.32 6.40
N LYS B 55 3.12 38.59 6.71
CA LYS B 55 3.44 39.00 8.08
C LYS B 55 2.42 38.44 9.07
N ASP B 56 1.13 38.53 8.71
CA ASP B 56 0.06 38.19 9.65
C ASP B 56 0.05 36.71 10.01
N GLN B 57 0.21 35.84 9.01
CA GLN B 57 0.19 34.41 9.23
C GLN B 57 1.47 33.88 9.85
N LEU B 58 2.54 34.67 9.83
CA LEU B 58 3.87 34.12 10.08
C LEU B 58 4.12 33.89 11.57
N PHE B 59 3.78 34.84 12.44
CA PHE B 59 4.14 34.70 13.85
C PHE B 59 3.54 33.47 14.52
N PRO B 60 2.23 33.18 14.38
CA PRO B 60 1.73 31.95 15.01
C PRO B 60 2.49 30.70 14.59
N LEU B 61 2.79 30.57 13.29
CA LEU B 61 3.64 29.48 12.82
C LEU B 61 5.01 29.52 13.50
N ALA B 62 5.61 30.71 13.57
CA ALA B 62 6.89 30.85 14.27
C ALA B 62 6.74 30.46 15.74
N LYS B 63 5.69 30.96 16.40
CA LYS B 63 5.47 30.67 17.81
C LYS B 63 5.33 29.18 18.04
N GLU B 64 4.50 28.51 17.23
CA GLU B 64 4.33 27.06 17.37
C GLU B 64 5.68 26.36 17.30
N PHE B 65 6.56 26.78 16.39
CA PHE B 65 7.84 26.09 16.24
C PHE B 65 8.77 26.42 17.40
N ILE B 66 8.84 27.70 17.80
CA ILE B 66 9.68 28.08 18.93
C ILE B 66 9.19 27.38 20.19
N ASP B 67 7.87 27.34 20.38
CA ASP B 67 7.30 26.60 21.50
C ASP B 67 7.82 25.17 21.54
N GLN B 68 7.75 24.46 20.41
CA GLN B 68 8.15 23.06 20.47
C GLN B 68 9.66 22.92 20.57
N TYR B 69 10.42 23.88 20.03
CA TYR B 69 11.87 23.84 20.23
C TYR B 69 12.22 23.93 21.72
N TYR B 70 11.64 24.89 22.42
CA TYR B 70 11.95 25.03 23.84
C TYR B 70 11.31 23.91 24.67
N SER B 71 10.20 23.34 24.20
CA SER B 71 9.69 22.14 24.85
C SER B 71 10.69 21.00 24.71
N SER B 72 11.27 20.85 23.52
CA SER B 72 12.18 19.74 23.27
C SER B 72 13.42 19.81 24.16
N ILE B 73 13.90 21.01 24.48
CA ILE B 73 15.11 21.16 25.26
C ILE B 73 14.81 21.36 26.75
N LYS B 74 13.58 21.10 27.17
CA LYS B 74 13.18 21.18 28.58
C LYS B 74 13.43 22.57 29.17
N ARG B 75 13.01 23.59 28.42
CA ARG B 75 13.07 24.98 28.88
C ARG B 75 11.83 25.73 28.45
N PHE B 76 10.68 25.05 28.46
CA PHE B 76 9.43 25.70 28.09
C PHE B 76 9.04 26.72 29.16
N GLY B 77 8.55 27.87 28.71
CA GLY B 77 8.24 28.95 29.61
C GLY B 77 9.43 29.66 30.21
N SER B 78 10.65 29.19 29.96
CA SER B 78 11.83 29.79 30.55
C SER B 78 11.97 31.25 30.08
N LYS B 79 12.92 31.95 30.71
CA LYS B 79 13.17 33.33 30.32
C LYS B 79 13.63 33.42 28.86
N ALA B 80 14.55 32.56 28.44
CA ALA B 80 15.04 32.61 27.07
C ALA B 80 13.93 32.27 26.08
N HIS B 81 13.01 31.37 26.46
CA HIS B 81 11.83 31.13 25.66
C HIS B 81 11.02 32.39 25.48
N MET B 82 10.73 33.09 26.59
CA MET B 82 10.02 34.37 26.53
C MET B 82 10.73 35.32 25.57
N GLU B 83 12.03 35.54 25.81
CA GLU B 83 12.78 36.53 25.06
C GLU B 83 12.85 36.18 23.57
N ARG B 84 12.99 34.90 23.24
CA ARG B 84 13.06 34.50 21.84
C ARG B 84 11.74 34.78 21.13
N LEU B 85 10.62 34.52 21.80
CA LEU B 85 9.30 34.84 21.24
C LEU B 85 9.14 36.35 21.04
N GLU B 86 9.48 37.14 22.07
CA GLU B 86 9.44 38.59 21.91
C GLU B 86 10.38 39.05 20.80
N GLU B 87 11.55 38.41 20.69
CA GLU B 87 12.50 38.77 19.63
C GLU B 87 11.92 38.44 18.24
N VAL B 88 11.31 37.27 18.09
CA VAL B 88 10.80 36.86 16.78
C VAL B 88 9.59 37.71 16.40
N ASN B 89 8.72 38.03 17.37
CA ASN B 89 7.56 38.88 17.10
C ASN B 89 8.00 40.26 16.62
N LYS B 90 8.93 40.89 17.35
CA LYS B 90 9.42 42.21 16.96
C LYS B 90 10.07 42.18 15.59
N GLU B 91 10.83 41.12 15.30
CA GLU B 91 11.54 41.04 14.02
C GLU B 91 10.57 40.82 12.86
N ILE B 92 9.50 40.06 13.08
CA ILE B 92 8.47 39.95 12.05
C ILE B 92 7.75 41.29 11.86
N ASP B 93 7.52 42.01 12.96
CA ASP B 93 6.92 43.33 12.87
C ASP B 93 7.70 44.23 11.93
N THR B 94 8.99 44.37 12.17
CA THR B 94 9.78 45.36 11.44
C THR B 94 10.18 44.89 10.05
N THR B 95 10.40 43.58 9.85
CA THR B 95 10.95 43.07 8.60
C THR B 95 10.08 42.07 7.86
N SER B 96 8.86 41.80 8.34
CA SER B 96 7.94 40.86 7.69
C SER B 96 8.45 39.42 7.67
N THR B 97 9.61 39.16 8.26
CA THR B 97 10.14 37.79 8.35
C THR B 97 10.97 37.68 9.63
N TYR B 98 11.70 36.58 9.74
CA TYR B 98 12.66 36.43 10.83
C TYR B 98 13.69 35.38 10.43
N GLN B 99 14.78 35.36 11.19
CA GLN B 99 15.88 34.44 10.97
C GLN B 99 15.96 33.47 12.12
N LEU B 100 16.17 32.19 11.79
CA LEU B 100 16.36 31.14 12.77
C LEU B 100 17.75 31.20 13.37
N LYS B 101 17.83 30.94 14.68
CA LYS B 101 19.11 30.65 15.31
C LYS B 101 19.69 29.37 14.73
N ASP B 102 21.02 29.25 14.82
CA ASP B 102 21.69 28.03 14.36
C ASP B 102 21.13 26.79 15.05
N THR B 103 20.89 26.88 16.36
CA THR B 103 20.34 25.74 17.08
C THR B 103 18.96 25.37 16.55
N GLU B 104 18.12 26.38 16.30
CA GLU B 104 16.78 26.14 15.77
C GLU B 104 16.84 25.55 14.37
N LEU B 105 17.76 26.04 13.52
CA LEU B 105 17.91 25.48 12.18
C LEU B 105 18.24 23.99 12.23
N ILE B 106 19.21 23.61 13.06
CA ILE B 106 19.58 22.20 13.19
C ILE B 106 18.39 21.39 13.71
N TYR B 107 17.75 21.87 14.78
CA TYR B 107 16.57 21.19 15.33
C TYR B 107 15.49 21.03 14.26
N GLY B 108 15.21 22.11 13.53
CA GLY B 108 14.16 22.06 12.53
C GLY B 108 14.47 21.09 11.41
N ALA B 109 15.71 21.06 10.94
CA ALA B 109 16.08 20.16 9.84
C ALA B 109 15.94 18.71 10.27
N LYS B 110 16.47 18.36 11.43
CA LYS B 110 16.37 16.98 11.91
C LYS B 110 14.91 16.55 12.09
N HIS B 111 14.07 17.45 12.59
CA HIS B 111 12.69 17.08 12.82
C HIS B 111 11.88 17.04 11.53
N ALA B 112 12.28 17.79 10.49
CA ALA B 112 11.67 17.59 9.18
C ALA B 112 11.89 16.17 8.68
N TRP B 113 13.11 15.64 8.87
CA TRP B 113 13.39 14.25 8.53
C TRP B 113 12.62 13.32 9.46
N ARG B 114 12.60 13.63 10.76
CA ARG B 114 11.88 12.79 11.72
C ARG B 114 10.41 12.67 11.36
N ASN B 115 9.83 13.73 10.82
CA ASN B 115 8.42 13.79 10.46
C ASN B 115 8.11 13.30 9.05
N ALA B 116 9.11 12.88 8.27
CA ALA B 116 8.85 12.50 6.87
C ALA B 116 8.15 11.15 6.87
N SER B 117 6.82 11.17 6.81
CA SER B 117 6.06 9.94 6.97
CA SER B 117 6.01 9.96 6.93
C SER B 117 6.40 8.90 5.92
N ARG B 118 6.94 9.30 4.76
CA ARG B 118 7.22 8.36 3.69
C ARG B 118 8.61 7.75 3.75
N CYS B 119 9.41 8.07 4.77
CA CYS B 119 10.82 7.67 4.79
C CYS B 119 11.01 6.53 5.76
N VAL B 120 11.49 5.39 5.24
CA VAL B 120 11.73 4.19 6.03
C VAL B 120 13.05 4.26 6.78
N GLY B 121 13.88 5.26 6.47
CA GLY B 121 15.20 5.37 7.06
C GLY B 121 15.28 6.20 8.31
N ARG B 122 14.16 6.57 8.92
CA ARG B 122 14.17 7.59 9.97
C ARG B 122 14.76 7.12 11.31
N ILE B 123 15.18 5.87 11.46
CA ILE B 123 15.85 5.51 12.70
C ILE B 123 17.12 6.34 12.86
N GLN B 124 17.66 6.88 11.76
CA GLN B 124 18.90 7.66 11.73
C GLN B 124 18.70 9.16 11.93
N TRP B 125 17.47 9.60 12.19
CA TRP B 125 17.10 11.01 12.00
C TRP B 125 17.96 11.99 12.83
N SER B 126 18.41 11.60 14.02
CA SER B 126 19.15 12.58 14.83
C SER B 126 20.64 12.60 14.50
N LYS B 127 21.13 11.68 13.67
CA LYS B 127 22.47 11.76 13.09
C LYS B 127 22.30 12.40 11.71
N LEU B 128 22.25 13.72 11.69
CA LEU B 128 22.15 14.49 10.45
C LEU B 128 23.12 15.65 10.55
N GLN B 129 24.09 15.69 9.64
CA GLN B 129 25.04 16.80 9.59
C GLN B 129 24.37 17.95 8.86
N VAL B 130 24.20 19.09 9.54
CA VAL B 130 23.48 20.22 8.98
C VAL B 130 24.50 21.27 8.55
N PHE B 131 24.49 21.63 7.27
CA PHE B 131 25.39 22.65 6.72
C PHE B 131 24.60 23.93 6.48
N ASP B 132 24.92 24.98 7.22
CA ASP B 132 24.21 26.25 7.14
C ASP B 132 24.81 27.09 6.01
N ALA B 133 24.06 27.22 4.92
CA ALA B 133 24.47 28.00 3.74
C ALA B 133 23.59 29.24 3.58
N ARG B 134 23.07 29.78 4.67
CA ARG B 134 22.15 30.90 4.53
C ARG B 134 22.86 32.20 4.19
N ASP B 135 24.19 32.21 4.20
CA ASP B 135 24.94 33.39 3.79
C ASP B 135 25.20 33.41 2.29
N CYS B 136 24.73 32.39 1.56
CA CYS B 136 25.04 32.28 0.14
C CYS B 136 24.33 33.39 -0.66
N THR B 137 25.00 33.88 -1.70
CA THR B 137 24.39 34.91 -2.54
C THR B 137 24.48 34.66 -4.03
N THR B 138 25.27 33.72 -4.52
CA THR B 138 25.38 33.46 -5.94
C THR B 138 25.39 31.96 -6.23
N ALA B 139 25.17 31.65 -7.50
CA ALA B 139 25.24 30.26 -7.96
C ALA B 139 26.63 29.67 -7.74
N HIS B 140 27.69 30.47 -7.91
CA HIS B 140 29.03 29.95 -7.63
C HIS B 140 29.16 29.55 -6.17
N GLY B 141 28.61 30.35 -5.26
CA GLY B 141 28.65 29.96 -3.86
C GLY B 141 27.81 28.73 -3.58
N MET B 142 26.67 28.59 -4.27
CA MET B 142 25.89 27.36 -4.14
C MET B 142 26.71 26.15 -4.56
N PHE B 143 27.40 26.27 -5.70
CA PHE B 143 28.24 25.18 -6.19
C PHE B 143 29.28 24.76 -5.16
N ASN B 144 29.96 25.74 -4.55
CA ASN B 144 30.93 25.45 -3.49
C ASN B 144 30.29 24.68 -2.35
N TYR B 145 29.18 25.20 -1.81
CA TYR B 145 28.47 24.52 -0.75
C TYR B 145 28.07 23.10 -1.16
N ILE B 146 27.66 22.92 -2.41
CA ILE B 146 27.19 21.60 -2.84
C ILE B 146 28.35 20.64 -2.99
N CYS B 147 29.47 21.12 -3.53
CA CYS B 147 30.66 20.28 -3.60
C CYS B 147 31.10 19.83 -2.22
N ASN B 148 31.10 20.75 -1.25
CA ASN B 148 31.49 20.36 0.10
C ASN B 148 30.52 19.35 0.69
N HIS B 149 29.22 19.55 0.45
CA HIS B 149 28.22 18.57 0.89
C HIS B 149 28.52 17.20 0.29
N VAL B 150 28.70 17.13 -1.03
CA VAL B 150 28.92 15.84 -1.68
C VAL B 150 30.18 15.17 -1.13
N LYS B 151 31.25 15.95 -0.98
CA LYS B 151 32.49 15.35 -0.47
C LYS B 151 32.30 14.82 0.94
N TYR B 152 31.65 15.60 1.80
CA TYR B 152 31.46 15.18 3.18
C TYR B 152 30.54 13.97 3.27
N ALA B 153 29.45 14.00 2.51
CA ALA B 153 28.45 12.94 2.61
C ALA B 153 28.99 11.64 2.06
N THR B 154 29.87 11.71 1.06
CA THR B 154 30.37 10.51 0.40
C THR B 154 31.41 9.80 1.26
N ASN B 155 32.39 10.56 1.78
CA ASN B 155 33.29 10.02 2.79
C ASN B 155 33.94 8.72 2.34
N LYS B 156 34.33 8.69 1.05
CA LYS B 156 34.99 7.53 0.45
C LYS B 156 34.17 6.25 0.60
N GLY B 157 32.85 6.36 0.58
CA GLY B 157 31.97 5.21 0.62
C GLY B 157 31.31 4.97 1.96
N ASN B 158 31.87 5.52 3.04
CA ASN B 158 31.26 5.44 4.36
C ASN B 158 30.30 6.61 4.52
N LEU B 159 29.16 6.48 3.82
CA LEU B 159 28.26 7.61 3.62
C LEU B 159 27.72 8.14 4.95
N ARG B 160 27.50 9.46 4.97
CA ARG B 160 27.06 10.20 6.14
C ARG B 160 25.88 11.08 5.72
N SER B 161 24.80 11.04 6.50
CA SER B 161 23.63 11.84 6.16
C SER B 161 23.94 13.32 6.32
N ALA B 162 23.44 14.14 5.38
CA ALA B 162 23.69 15.56 5.46
C ALA B 162 22.60 16.33 4.75
N ILE B 163 22.44 17.58 5.16
CA ILE B 163 21.60 18.54 4.46
C ILE B 163 22.35 19.88 4.40
N THR B 164 22.19 20.59 3.30
CA THR B 164 22.74 21.93 3.12
C THR B 164 21.57 22.88 2.88
N ILE B 165 21.49 23.94 3.68
CA ILE B 165 20.31 24.80 3.70
C ILE B 165 20.68 26.18 3.19
N PHE B 166 20.12 26.56 2.05
CA PHE B 166 20.37 27.84 1.40
C PHE B 166 19.36 28.87 1.88
N PRO B 167 19.53 30.16 1.54
CA PRO B 167 18.67 31.19 2.15
C PRO B 167 17.20 30.95 1.84
N GLN B 168 16.37 31.32 2.80
CA GLN B 168 14.93 31.10 2.72
C GLN B 168 14.30 32.06 1.71
N ARG B 169 13.10 31.70 1.29
CA ARG B 169 12.32 32.53 0.38
C ARG B 169 11.97 33.86 1.04
N THR B 170 11.99 34.93 0.23
CA THR B 170 11.67 36.27 0.73
C THR B 170 10.37 36.71 0.08
N ASP B 171 10.40 37.37 -1.07
CA ASP B 171 9.18 37.78 -1.75
C ASP B 171 8.72 36.78 -2.79
N GLY B 172 9.38 35.62 -2.89
CA GLY B 172 9.09 34.67 -3.93
C GLY B 172 9.71 34.98 -5.27
N LYS B 173 10.24 36.18 -5.46
CA LYS B 173 10.93 36.52 -6.70
C LYS B 173 12.43 36.29 -6.64
N HIS B 174 12.96 35.92 -5.47
CA HIS B 174 14.39 35.77 -5.26
C HIS B 174 14.75 34.37 -4.79
N ASP B 175 13.96 33.37 -5.17
CA ASP B 175 14.15 32.03 -4.64
C ASP B 175 15.51 31.45 -5.01
N PHE B 176 16.08 30.71 -4.08
CA PHE B 176 17.21 29.84 -4.36
C PHE B 176 16.67 28.47 -4.75
N ARG B 177 17.19 27.91 -5.83
CA ARG B 177 16.70 26.62 -6.31
C ARG B 177 17.86 25.81 -6.85
N VAL B 178 17.87 24.52 -6.54
CA VAL B 178 18.67 23.55 -7.28
C VAL B 178 17.73 22.94 -8.31
N TRP B 179 17.99 23.19 -9.60
CA TRP B 179 17.07 22.75 -10.64
C TRP B 179 17.12 21.23 -10.82
N ASN B 180 18.25 20.61 -10.50
CA ASN B 180 18.33 19.16 -10.52
C ASN B 180 17.36 18.57 -9.51
N SER B 181 16.87 17.37 -9.81
CA SER B 181 16.04 16.65 -8.84
C SER B 181 16.89 15.94 -7.80
N GLN B 182 18.08 15.46 -8.20
CA GLN B 182 19.09 14.98 -7.28
C GLN B 182 20.43 15.59 -7.67
N LEU B 183 21.30 15.78 -6.68
CA LEU B 183 22.62 16.36 -6.97
C LEU B 183 23.36 15.52 -8.00
N ILE B 184 23.20 14.20 -7.94
CA ILE B 184 23.86 13.28 -8.87
C ILE B 184 22.78 12.45 -9.55
N ARG B 185 22.64 12.60 -10.87
CA ARG B 185 21.75 11.77 -11.67
C ARG B 185 22.37 11.59 -13.05
N TYR B 186 21.89 10.58 -13.78
CA TYR B 186 22.38 10.33 -15.12
C TYR B 186 21.47 10.97 -16.15
N ALA B 187 22.07 11.44 -17.24
CA ALA B 187 21.31 12.06 -18.33
C ALA B 187 20.43 11.04 -19.05
N GLY B 188 19.39 11.54 -19.69
CA GLY B 188 18.58 10.73 -20.58
C GLY B 188 18.28 11.48 -21.86
N TYR B 189 18.41 10.78 -22.99
CA TYR B 189 18.33 11.41 -24.31
C TYR B 189 17.19 10.79 -25.13
N LYS B 190 16.35 11.66 -25.70
CA LYS B 190 15.32 11.22 -26.63
C LYS B 190 15.96 10.84 -27.95
N GLN B 191 15.82 9.57 -28.33
CA GLN B 191 16.55 9.03 -29.47
C GLN B 191 15.83 9.31 -30.79
N PRO B 192 16.57 9.32 -31.91
CA PRO B 192 15.92 9.56 -33.21
C PRO B 192 14.80 8.59 -33.51
N ASP B 193 15.02 7.29 -33.33
CA ASP B 193 13.95 6.32 -33.56
C ASP B 193 12.82 6.49 -32.55
N GLY B 194 13.14 6.93 -31.34
CA GLY B 194 12.10 7.22 -30.37
C GLY B 194 12.33 6.64 -28.99
N SER B 195 13.26 5.69 -28.86
CA SER B 195 13.56 5.10 -27.56
C SER B 195 14.40 6.04 -26.73
N THR B 196 15.06 5.53 -25.69
CA THR B 196 15.78 6.38 -24.74
C THR B 196 17.15 5.81 -24.43
N LEU B 197 18.18 6.63 -24.61
CA LEU B 197 19.52 6.32 -24.12
C LEU B 197 19.69 6.95 -22.74
N GLY B 198 20.06 6.14 -21.76
CA GLY B 198 20.22 6.63 -20.40
C GLY B 198 18.93 6.61 -19.59
N ASP B 199 18.82 7.53 -18.63
CA ASP B 199 17.74 7.50 -17.66
C ASP B 199 16.53 8.26 -18.21
N PRO B 200 15.41 7.59 -18.52
CA PRO B 200 14.27 8.31 -19.09
C PRO B 200 13.62 9.28 -18.12
N ALA B 201 13.82 9.10 -16.81
CA ALA B 201 13.24 10.01 -15.84
C ALA B 201 13.77 11.44 -15.96
N ASN B 202 14.93 11.62 -16.59
CA ASN B 202 15.60 12.91 -16.62
C ASN B 202 15.65 13.52 -18.02
N VAL B 203 14.76 13.08 -18.93
CA VAL B 203 14.81 13.54 -20.30
C VAL B 203 14.57 15.05 -20.37
N GLN B 204 13.55 15.54 -19.67
CA GLN B 204 13.25 16.97 -19.74
C GLN B 204 14.38 17.79 -19.15
N PHE B 205 14.85 17.40 -17.95
CA PHE B 205 15.92 18.17 -17.33
C PHE B 205 17.19 18.15 -18.18
N THR B 206 17.51 17.01 -18.79
CA THR B 206 18.67 16.93 -19.66
C THR B 206 18.56 17.91 -20.82
N GLU B 207 17.38 17.98 -21.45
CA GLU B 207 17.21 18.89 -22.58
C GLU B 207 17.38 20.35 -22.14
N ILE B 208 16.90 20.68 -20.94
CA ILE B 208 17.13 22.03 -20.42
C ILE B 208 18.62 22.32 -20.31
N CYS B 209 19.39 21.37 -19.76
CA CYS B 209 20.84 21.56 -19.64
C CYS B 209 21.49 21.74 -21.01
N ILE B 210 21.04 20.99 -22.01
CA ILE B 210 21.56 21.17 -23.37
C ILE B 210 21.13 22.52 -23.93
N GLN B 211 19.87 22.90 -23.72
CA GLN B 211 19.40 24.22 -24.12
C GLN B 211 20.20 25.31 -23.45
N GLN B 212 20.75 25.04 -22.27
CA GLN B 212 21.51 26.01 -21.50
C GLN B 212 22.99 26.00 -21.81
N GLY B 213 23.44 25.15 -22.73
CA GLY B 213 24.82 25.14 -23.17
C GLY B 213 25.63 23.92 -22.80
N TRP B 214 25.05 22.96 -22.08
CA TRP B 214 25.80 21.77 -21.69
C TRP B 214 26.06 20.91 -22.93
N LYS B 215 27.32 20.47 -23.09
CA LYS B 215 27.67 19.62 -24.21
C LYS B 215 27.58 18.16 -23.79
N PRO B 216 26.58 17.41 -24.27
CA PRO B 216 26.30 16.09 -23.70
C PRO B 216 27.21 15.02 -24.30
N PRO B 217 27.85 14.21 -23.45
CA PRO B 217 28.57 13.04 -23.98
C PRO B 217 27.67 12.04 -24.70
N ARG B 218 26.36 12.08 -24.47
CA ARG B 218 25.40 11.19 -25.10
C ARG B 218 25.79 9.72 -24.90
N GLY B 219 26.03 9.37 -23.63
CA GLY B 219 26.24 8.00 -23.22
C GLY B 219 25.10 7.54 -22.32
N ARG B 220 25.24 6.31 -21.82
CA ARG B 220 24.19 5.74 -20.98
C ARG B 220 24.29 6.18 -19.52
N PHE B 221 25.47 6.60 -19.06
CA PHE B 221 25.63 7.03 -17.66
C PHE B 221 26.48 8.30 -17.59
N ASP B 222 25.96 9.37 -18.19
CA ASP B 222 26.59 10.69 -18.10
C ASP B 222 26.05 11.41 -16.88
N VAL B 223 26.94 11.71 -15.92
CA VAL B 223 26.53 12.51 -14.78
C VAL B 223 26.11 13.89 -15.27
N LEU B 224 24.96 14.34 -14.80
CA LEU B 224 24.43 15.63 -15.23
C LEU B 224 25.17 16.79 -14.55
N PRO B 225 25.25 17.94 -15.19
CA PRO B 225 25.81 19.11 -14.53
C PRO B 225 24.83 19.64 -13.50
N LEU B 226 25.35 20.45 -12.58
CA LEU B 226 24.49 21.18 -11.67
C LEU B 226 23.94 22.40 -12.37
N LEU B 227 22.64 22.67 -12.14
CA LEU B 227 21.95 23.84 -12.67
C LEU B 227 21.41 24.59 -11.47
N LEU B 228 22.05 25.72 -11.14
CA LEU B 228 21.89 26.35 -9.83
C LEU B 228 21.38 27.77 -9.98
N GLN B 229 20.36 28.11 -9.20
CA GLN B 229 19.68 29.39 -9.26
C GLN B 229 19.79 30.05 -7.89
N ALA B 230 20.43 31.22 -7.84
CA ALA B 230 20.60 31.99 -6.63
C ALA B 230 19.81 33.29 -6.73
N ASN B 231 19.06 33.61 -5.67
CA ASN B 231 18.41 34.91 -5.54
C ASN B 231 17.44 35.20 -6.68
N GLY B 232 16.81 34.16 -7.24
CA GLY B 232 15.87 34.32 -8.32
C GLY B 232 16.46 34.62 -9.69
N ASN B 233 17.79 34.65 -9.81
CA ASN B 233 18.43 34.92 -11.09
C ASN B 233 18.35 33.69 -12.00
N ASP B 234 18.71 33.90 -13.27
CA ASP B 234 18.82 32.80 -14.21
C ASP B 234 19.77 31.74 -13.66
N PRO B 235 19.49 30.46 -13.86
CA PRO B 235 20.37 29.42 -13.31
C PRO B 235 21.62 29.26 -14.15
N GLU B 236 22.66 28.73 -13.50
CA GLU B 236 23.98 28.60 -14.08
C GLU B 236 24.45 27.14 -13.98
N LEU B 237 25.20 26.71 -14.99
CA LEU B 237 25.70 25.33 -15.09
C LEU B 237 27.06 25.18 -14.42
N PHE B 238 27.25 24.05 -13.72
CA PHE B 238 28.53 23.70 -13.10
C PHE B 238 28.77 22.20 -13.21
N GLN B 239 30.03 21.82 -13.43
CA GLN B 239 30.39 20.40 -13.48
C GLN B 239 30.90 19.96 -12.11
N ILE B 240 30.21 18.98 -11.51
CA ILE B 240 30.75 18.40 -10.27
C ILE B 240 32.10 17.77 -10.55
N PRO B 241 33.16 18.11 -9.82
CA PRO B 241 34.45 17.47 -10.05
C PRO B 241 34.29 15.96 -10.01
N PRO B 242 34.76 15.25 -11.04
CA PRO B 242 34.45 13.82 -11.14
C PRO B 242 35.04 12.98 -10.02
N GLU B 243 36.16 13.41 -9.41
CA GLU B 243 36.70 12.66 -8.29
C GLU B 243 35.77 12.64 -7.09
N LEU B 244 34.79 13.54 -7.04
CA LEU B 244 33.81 13.56 -5.96
C LEU B 244 32.59 12.66 -6.21
N VAL B 245 32.44 12.09 -7.41
CA VAL B 245 31.24 11.32 -7.76
C VAL B 245 31.59 9.85 -7.62
N LEU B 246 31.13 9.22 -6.54
CA LEU B 246 31.42 7.80 -6.30
C LEU B 246 30.42 6.92 -7.04
N GLU B 247 30.94 5.93 -7.75
CA GLU B 247 30.09 5.04 -8.56
C GLU B 247 30.44 3.58 -8.29
N VAL B 248 29.44 2.71 -8.47
CA VAL B 248 29.57 1.29 -8.25
C VAL B 248 29.21 0.58 -9.55
N PRO B 249 30.14 -0.15 -10.16
CA PRO B 249 29.75 -1.02 -11.28
C PRO B 249 28.98 -2.20 -10.75
N ILE B 250 27.87 -2.54 -11.43
CA ILE B 250 26.98 -3.58 -10.95
C ILE B 250 27.41 -4.91 -11.55
N ARG B 251 27.73 -5.87 -10.68
CA ARG B 251 28.03 -7.23 -11.07
C ARG B 251 27.28 -8.18 -10.15
N HIS B 252 27.19 -9.40 -10.58
CA HIS B 252 26.44 -10.41 -9.87
C HIS B 252 27.37 -11.46 -9.27
N PRO B 253 27.10 -11.93 -8.04
CA PRO B 253 28.03 -12.88 -7.40
C PRO B 253 28.06 -14.26 -8.03
N LYS B 254 27.06 -14.65 -8.80
CA LYS B 254 27.07 -15.96 -9.45
C LYS B 254 27.05 -15.87 -10.96
N PHE B 255 26.27 -14.95 -11.52
CA PHE B 255 26.15 -14.80 -12.97
C PHE B 255 27.31 -13.97 -13.48
N GLU B 256 28.32 -14.64 -14.04
CA GLU B 256 29.49 -13.95 -14.55
C GLU B 256 29.13 -12.99 -15.69
N TRP B 257 28.05 -13.26 -16.40
CA TRP B 257 27.70 -12.42 -17.54
C TRP B 257 27.08 -11.09 -17.12
N PHE B 258 26.70 -10.94 -15.86
CA PHE B 258 25.97 -9.75 -15.43
C PHE B 258 26.81 -8.48 -15.61
N LYS B 259 28.12 -8.59 -15.37
CA LYS B 259 28.97 -7.41 -15.53
C LYS B 259 28.99 -6.93 -16.97
N ASP B 260 28.80 -7.85 -17.92
CA ASP B 260 28.79 -7.50 -19.33
C ASP B 260 27.61 -6.63 -19.72
N LEU B 261 26.60 -6.52 -18.85
CA LEU B 261 25.50 -5.58 -19.07
C LEU B 261 25.97 -4.12 -19.06
N GLY B 262 27.16 -3.86 -18.54
CA GLY B 262 27.67 -2.50 -18.52
C GLY B 262 26.95 -1.55 -17.60
N LEU B 263 26.15 -2.06 -16.68
CA LEU B 263 25.43 -1.19 -15.75
C LEU B 263 26.35 -0.66 -14.66
N LYS B 264 25.99 0.51 -14.14
CA LYS B 264 26.58 1.08 -12.94
C LYS B 264 25.60 2.07 -12.34
N TRP B 265 25.85 2.46 -11.10
CA TRP B 265 25.04 3.49 -10.45
C TRP B 265 25.94 4.34 -9.57
N TYR B 266 25.35 5.42 -9.04
CA TYR B 266 26.08 6.29 -8.13
C TYR B 266 25.74 5.96 -6.69
N GLY B 267 26.69 6.24 -5.80
CA GLY B 267 26.55 5.84 -4.41
C GLY B 267 25.73 6.76 -3.57
N LEU B 268 25.59 8.03 -3.96
CA LEU B 268 25.02 9.03 -3.06
C LEU B 268 23.64 9.47 -3.50
N PRO B 269 22.56 9.04 -2.82
CA PRO B 269 21.23 9.58 -3.11
C PRO B 269 21.04 10.92 -2.41
N ALA B 270 20.87 11.99 -3.20
CA ALA B 270 20.87 13.35 -2.65
C ALA B 270 19.73 14.12 -3.30
N VAL B 271 18.58 14.14 -2.65
CA VAL B 271 17.40 14.75 -3.25
C VAL B 271 17.44 16.26 -3.05
N SER B 272 17.25 17.02 -4.13
CA SER B 272 17.52 18.45 -4.12
C SER B 272 16.40 19.31 -4.66
N ASN B 273 15.21 18.76 -4.92
CA ASN B 273 14.13 19.58 -5.44
C ASN B 273 12.99 19.78 -4.45
N MET B 274 13.19 19.42 -3.18
CA MET B 274 12.13 19.58 -2.19
C MET B 274 12.32 20.85 -1.39
N LEU B 275 11.26 21.22 -0.66
CA LEU B 275 11.18 22.45 0.11
C LEU B 275 11.15 22.11 1.60
N LEU B 276 12.06 22.72 2.36
CA LEU B 276 12.08 22.57 3.80
C LEU B 276 11.31 23.71 4.45
N GLU B 277 10.33 23.37 5.30
CA GLU B 277 9.54 24.38 5.99
C GLU B 277 9.77 24.28 7.48
N ILE B 278 10.23 25.37 8.08
CA ILE B 278 10.49 25.45 9.52
C ILE B 278 9.87 26.73 10.05
N GLY B 279 8.95 26.60 11.00
CA GLY B 279 8.41 27.77 11.67
C GLY B 279 7.84 28.81 10.74
N GLY B 280 7.18 28.38 9.67
CA GLY B 280 6.65 29.29 8.69
C GLY B 280 7.62 29.74 7.62
N LEU B 281 8.91 29.48 7.81
CA LEU B 281 9.92 29.86 6.82
C LEU B 281 10.07 28.75 5.79
N GLU B 282 10.36 29.15 4.55
CA GLU B 282 10.42 28.22 3.42
C GLU B 282 11.82 28.22 2.83
N PHE B 283 12.45 27.06 2.83
CA PHE B 283 13.79 26.89 2.29
C PHE B 283 13.68 26.10 0.98
N SER B 284 13.58 26.83 -0.12
CA SER B 284 13.34 26.21 -1.42
C SER B 284 14.55 25.48 -1.98
N ALA B 285 15.74 25.70 -1.42
CA ALA B 285 16.92 24.96 -1.82
C ALA B 285 17.55 24.33 -0.58
N CYS B 286 17.45 23.00 -0.47
CA CYS B 286 17.88 22.32 0.74
C CYS B 286 18.27 20.87 0.46
N PRO B 287 19.22 20.63 -0.43
CA PRO B 287 19.54 19.24 -0.80
C PRO B 287 19.98 18.42 0.40
N PHE B 288 19.42 17.21 0.51
CA PHE B 288 19.69 16.32 1.63
C PHE B 288 20.00 14.93 1.12
N SER B 289 20.87 14.23 1.84
CA SER B 289 21.41 13.00 1.32
C SER B 289 21.57 12.01 2.47
N GLY B 290 21.49 10.73 2.12
CA GLY B 290 21.71 9.64 3.04
C GLY B 290 22.47 8.52 2.38
N TRP B 291 21.92 7.31 2.38
CA TRP B 291 22.45 6.21 1.59
C TRP B 291 21.26 5.41 1.07
N TYR B 292 21.51 4.54 0.08
CA TYR B 292 20.42 3.90 -0.63
C TYR B 292 19.91 2.66 0.09
N MET B 293 18.60 2.42 -0.05
CA MET B 293 18.05 1.07 0.08
C MET B 293 18.14 0.44 -1.31
N GLY B 294 18.58 -0.82 -1.36
CA GLY B 294 18.94 -1.41 -2.64
C GLY B 294 17.82 -1.43 -3.67
N THR B 295 16.57 -1.55 -3.21
CA THR B 295 15.44 -1.61 -4.15
C THR B 295 15.21 -0.28 -4.85
N GLU B 296 15.67 0.83 -4.26
CA GLU B 296 15.55 2.13 -4.93
C GLU B 296 16.25 2.11 -6.27
N ILE B 297 17.39 1.44 -6.33
CA ILE B 297 18.12 1.27 -7.57
C ILE B 297 17.61 0.07 -8.37
N GLY B 298 17.53 -1.10 -7.71
CA GLY B 298 17.37 -2.36 -8.39
C GLY B 298 15.97 -2.72 -8.77
N VAL B 299 14.98 -2.15 -8.09
CA VAL B 299 13.57 -2.34 -8.43
C VAL B 299 13.03 -1.17 -9.23
N ARG B 300 13.24 0.06 -8.75
CA ARG B 300 12.61 1.23 -9.37
C ARG B 300 13.46 1.85 -10.47
N ASP B 301 14.73 2.13 -10.18
CA ASP B 301 15.58 2.83 -11.13
C ASP B 301 15.98 1.96 -12.32
N TYR B 302 15.92 0.63 -12.17
CA TYR B 302 16.33 -0.27 -13.22
C TYR B 302 15.20 -1.00 -13.91
N CYS B 303 14.06 -1.17 -13.23
CA CYS B 303 12.99 -2.04 -13.72
C CYS B 303 11.64 -1.36 -13.89
N ASP B 304 11.50 -0.08 -13.55
CA ASP B 304 10.27 0.63 -13.86
C ASP B 304 10.08 0.71 -15.38
N ASN B 305 8.82 0.75 -15.81
CA ASN B 305 8.51 0.84 -17.23
C ASN B 305 9.12 2.10 -17.83
N SER B 306 8.94 3.24 -17.17
CA SER B 306 9.51 4.51 -17.62
C SER B 306 10.89 4.77 -17.03
N ARG B 307 11.63 3.71 -16.68
CA ARG B 307 13.02 3.87 -16.25
C ARG B 307 13.93 2.99 -17.13
N TYR B 308 14.99 2.43 -16.54
CA TYR B 308 16.01 1.78 -17.36
C TYR B 308 15.50 0.50 -18.01
N ASN B 309 14.58 -0.21 -17.35
CA ASN B 309 13.78 -1.27 -17.98
C ASN B 309 14.65 -2.41 -18.51
N ILE B 310 15.55 -2.91 -17.65
CA ILE B 310 16.48 -3.97 -18.06
C ILE B 310 15.93 -5.36 -17.82
N LEU B 311 14.70 -5.48 -17.30
CA LEU B 311 14.17 -6.78 -16.92
C LEU B 311 14.22 -7.77 -18.09
N GLU B 312 13.83 -7.31 -19.29
CA GLU B 312 13.81 -8.19 -20.44
C GLU B 312 15.17 -8.80 -20.70
N GLU B 313 16.22 -7.96 -20.67
CA GLU B 313 17.54 -8.48 -21.04
C GLU B 313 18.08 -9.43 -19.99
N VAL B 314 17.94 -9.08 -18.72
CA VAL B 314 18.37 -9.97 -17.64
C VAL B 314 17.67 -11.32 -17.75
N ALA B 315 16.35 -11.31 -17.95
CA ALA B 315 15.61 -12.57 -18.03
C ALA B 315 16.07 -13.40 -19.23
N LYS B 316 16.43 -12.76 -20.33
CA LYS B 316 16.95 -13.48 -21.48
C LYS B 316 18.25 -14.20 -21.12
N LYS B 317 19.17 -13.46 -20.48
CA LYS B 317 20.46 -14.05 -20.11
C LYS B 317 20.28 -15.21 -19.14
N MET B 318 19.24 -15.18 -18.31
CA MET B 318 18.92 -16.30 -17.45
C MET B 318 18.22 -17.44 -18.18
N ASN B 319 18.00 -17.31 -19.48
CA ASN B 319 17.29 -18.32 -20.29
C ASN B 319 15.92 -18.63 -19.71
N LEU B 320 15.17 -17.59 -19.34
CA LEU B 320 13.86 -17.79 -18.75
C LEU B 320 12.77 -17.89 -19.81
N ASP B 321 11.69 -18.60 -19.44
CA ASP B 321 10.48 -18.66 -20.25
C ASP B 321 9.78 -17.30 -20.17
N MET B 322 9.83 -16.52 -21.24
CA MET B 322 9.25 -15.19 -21.25
C MET B 322 7.95 -15.10 -22.05
N ARG B 323 7.40 -16.24 -22.48
CA ARG B 323 6.20 -16.23 -23.29
C ARG B 323 4.94 -15.94 -22.48
N LYS B 324 4.90 -16.37 -21.22
CA LYS B 324 3.72 -16.20 -20.37
C LYS B 324 4.11 -15.48 -19.09
N THR B 325 3.18 -14.67 -18.57
CA THR B 325 3.46 -13.97 -17.33
C THR B 325 3.49 -14.91 -16.13
N SER B 326 2.73 -16.01 -16.19
CA SER B 326 2.61 -16.93 -15.06
C SER B 326 3.88 -17.71 -14.77
N SER B 327 4.86 -17.74 -15.68
CA SER B 327 6.17 -18.24 -15.32
C SER B 327 6.89 -17.33 -14.32
N LEU B 328 6.37 -16.14 -14.06
CA LEU B 328 6.96 -15.19 -13.12
C LEU B 328 8.39 -14.83 -13.50
N TRP B 329 8.67 -14.79 -14.80
CA TRP B 329 10.02 -14.47 -15.27
C TRP B 329 10.43 -13.06 -14.87
N LYS B 330 9.48 -12.13 -14.82
CA LYS B 330 9.83 -10.80 -14.32
C LYS B 330 10.25 -10.86 -12.86
N ASP B 331 9.53 -11.65 -12.06
CA ASP B 331 9.79 -11.69 -10.62
C ASP B 331 11.16 -12.31 -10.33
N GLN B 332 11.52 -13.34 -11.08
CA GLN B 332 12.81 -14.00 -10.88
C GLN B 332 13.96 -13.07 -11.25
N ALA B 333 13.91 -12.51 -12.46
CA ALA B 333 14.92 -11.53 -12.88
C ALA B 333 14.98 -10.34 -11.93
N LEU B 334 13.84 -9.95 -11.35
CA LEU B 334 13.87 -8.79 -10.45
C LEU B 334 14.71 -9.08 -9.21
N VAL B 335 14.59 -10.29 -8.66
CA VAL B 335 15.36 -10.65 -7.47
C VAL B 335 16.85 -10.64 -7.78
N GLU B 336 17.23 -11.22 -8.92
CA GLU B 336 18.64 -11.32 -9.27
C GLU B 336 19.25 -9.93 -9.48
N ILE B 337 18.49 -9.01 -10.06
CA ILE B 337 19.00 -7.64 -10.22
C ILE B 337 19.26 -7.02 -8.86
N ASN B 338 18.38 -7.28 -7.89
CA ASN B 338 18.57 -6.66 -6.59
C ASN B 338 19.65 -7.34 -5.78
N ILE B 339 19.86 -8.65 -6.00
CA ILE B 339 21.03 -9.32 -5.42
C ILE B 339 22.32 -8.68 -5.93
N ALA B 340 22.38 -8.39 -7.24
CA ALA B 340 23.61 -7.85 -7.81
C ALA B 340 23.91 -6.46 -7.27
N VAL B 341 22.89 -5.62 -7.11
CA VAL B 341 23.08 -4.27 -6.61
C VAL B 341 23.68 -4.31 -5.21
N LEU B 342 23.07 -5.08 -4.31
CA LEU B 342 23.57 -5.18 -2.95
C LEU B 342 24.98 -5.76 -2.92
N TYR B 343 25.20 -6.81 -3.69
CA TYR B 343 26.53 -7.42 -3.71
C TYR B 343 27.57 -6.45 -4.24
N SER B 344 27.19 -5.61 -5.20
CA SER B 344 28.16 -4.69 -5.79
C SER B 344 28.54 -3.58 -4.82
N PHE B 345 27.54 -2.93 -4.19
CA PHE B 345 27.86 -1.89 -3.20
C PHE B 345 28.63 -2.46 -2.02
N GLN B 346 28.24 -3.64 -1.54
CA GLN B 346 28.93 -4.19 -0.38
C GLN B 346 30.37 -4.54 -0.71
N SER B 347 30.61 -5.09 -1.92
CA SER B 347 31.97 -5.45 -2.32
C SER B 347 32.86 -4.22 -2.46
N ASP B 348 32.30 -3.08 -2.88
CA ASP B 348 33.07 -1.85 -2.96
C ASP B 348 33.04 -1.07 -1.64
N LYS B 349 32.41 -1.61 -0.59
CA LYS B 349 32.35 -0.94 0.71
C LYS B 349 31.71 0.43 0.59
N VAL B 350 30.62 0.52 -0.16
CA VAL B 350 29.78 1.69 -0.23
C VAL B 350 28.51 1.41 0.56
N THR B 351 28.15 2.32 1.45
CA THR B 351 27.00 2.08 2.32
C THR B 351 25.73 1.82 1.54
N ILE B 352 25.03 0.75 1.91
CA ILE B 352 23.73 0.42 1.32
C ILE B 352 23.00 -0.44 2.33
N VAL B 353 21.68 -0.45 2.27
CA VAL B 353 20.88 -1.27 3.17
C VAL B 353 19.89 -2.07 2.35
N ASP B 354 19.69 -3.33 2.70
CA ASP B 354 18.66 -4.09 1.99
C ASP B 354 17.30 -3.81 2.62
N HIS B 355 16.23 -4.14 1.88
CA HIS B 355 14.89 -3.83 2.35
C HIS B 355 14.46 -4.66 3.56
N HIS B 356 15.04 -5.85 3.75
CA HIS B 356 14.76 -6.59 4.97
C HIS B 356 15.33 -5.87 6.18
N SER B 357 16.61 -5.50 6.12
CA SER B 357 17.23 -4.79 7.23
C SER B 357 16.56 -3.43 7.46
N ALA B 358 16.30 -2.67 6.38
CA ALA B 358 15.74 -1.33 6.56
C ALA B 358 14.35 -1.37 7.20
N THR B 359 13.47 -2.29 6.73
CA THR B 359 12.13 -2.35 7.32
C THR B 359 12.18 -2.90 8.73
N GLU B 360 13.11 -3.82 9.02
CA GLU B 360 13.32 -4.25 10.40
C GLU B 360 13.71 -3.07 11.28
N SER B 361 14.62 -2.22 10.81
CA SER B 361 15.02 -1.07 11.63
CA SER B 361 15.03 -1.06 11.61
C SER B 361 13.85 -0.12 11.81
N PHE B 362 13.00 0.04 10.78
CA PHE B 362 11.90 0.98 10.89
C PHE B 362 10.88 0.53 11.93
N ILE B 363 10.61 -0.77 12.00
CA ILE B 363 9.74 -1.28 13.06
C ILE B 363 10.33 -0.94 14.42
N LYS B 364 11.65 -1.11 14.57
CA LYS B 364 12.26 -0.75 15.84
C LYS B 364 12.18 0.75 16.09
N HIS B 365 12.35 1.54 15.02
CA HIS B 365 12.18 2.98 15.11
C HIS B 365 10.77 3.34 15.59
N MET B 366 9.75 2.71 15.00
CA MET B 366 8.38 2.98 15.42
C MET B 366 8.21 2.76 16.92
N GLU B 367 8.72 1.63 17.45
CA GLU B 367 8.61 1.37 18.89
CA GLU B 367 8.59 1.39 18.88
C GLU B 367 9.23 2.50 19.69
N ASN B 368 10.41 2.98 19.25
CA ASN B 368 11.10 4.06 19.97
C ASN B 368 10.23 5.32 20.00
N GLU B 369 9.68 5.69 18.84
CA GLU B 369 8.92 6.93 18.74
C GLU B 369 7.62 6.85 19.52
N TYR B 370 6.93 5.72 19.46
CA TYR B 370 5.73 5.60 20.29
C TYR B 370 6.10 5.71 21.76
N ARG B 371 7.26 5.15 22.14
CA ARG B 371 7.66 5.19 23.55
C ARG B 371 8.03 6.60 23.99
N CYS B 372 8.88 7.28 23.22
CA CYS B 372 9.38 8.56 23.70
C CYS B 372 8.61 9.75 23.18
N ARG B 373 7.90 9.62 22.05
CA ARG B 373 7.21 10.72 21.42
C ARG B 373 5.69 10.55 21.34
N GLY B 374 5.16 9.36 21.63
CA GLY B 374 3.73 9.11 21.56
C GLY B 374 3.21 8.78 20.17
N GLY B 375 4.08 8.60 19.19
CA GLY B 375 3.63 8.25 17.86
C GLY B 375 4.71 8.48 16.83
N CYS B 376 4.45 7.97 15.64
CA CYS B 376 5.32 8.13 14.48
C CYS B 376 4.46 8.16 13.22
N PRO B 377 4.35 9.30 12.54
CA PRO B 377 3.58 9.33 11.28
C PRO B 377 4.25 8.46 10.23
N ALA B 378 3.45 7.61 9.60
CA ALA B 378 4.01 6.65 8.65
C ALA B 378 3.03 6.41 7.51
N ASP B 379 3.56 6.40 6.30
CA ASP B 379 2.79 6.21 5.07
C ASP B 379 3.08 4.80 4.57
N TRP B 380 2.20 3.87 4.93
CA TRP B 380 2.36 2.48 4.53
C TRP B 380 2.59 2.34 3.03
N VAL B 381 1.85 3.11 2.24
CA VAL B 381 1.95 3.02 0.77
C VAL B 381 3.38 3.22 0.32
N TRP B 382 4.14 4.05 1.05
CA TRP B 382 5.53 4.32 0.69
C TRP B 382 6.54 3.55 1.52
N ILE B 383 6.21 3.21 2.77
CA ILE B 383 7.18 2.49 3.61
C ILE B 383 7.36 1.05 3.11
N VAL B 384 6.27 0.40 2.69
CA VAL B 384 6.43 -1.00 2.25
C VAL B 384 7.25 -1.03 0.98
N PRO B 385 8.27 -1.89 0.90
CA PRO B 385 9.18 -1.88 -0.24
C PRO B 385 8.49 -2.35 -1.50
N PRO B 386 9.02 -1.96 -2.67
CA PRO B 386 8.37 -2.27 -3.95
C PRO B 386 8.61 -3.68 -4.47
N MET B 387 9.23 -4.57 -3.67
CA MET B 387 9.23 -6.00 -3.95
C MET B 387 9.13 -6.75 -2.62
N SER B 388 8.58 -7.97 -2.68
CA SER B 388 8.58 -8.88 -1.54
C SER B 388 7.91 -8.25 -0.31
N GLY B 389 6.84 -7.50 -0.56
CA GLY B 389 6.27 -6.67 0.48
C GLY B 389 5.87 -7.44 1.71
N SER B 390 5.10 -8.52 1.54
CA SER B 390 4.57 -9.18 2.72
C SER B 390 5.59 -10.02 3.48
N ILE B 391 6.80 -10.22 2.96
CA ILE B 391 7.84 -10.89 3.73
C ILE B 391 8.78 -9.91 4.41
N THR B 392 8.44 -8.58 4.40
CA THR B 392 9.05 -7.58 5.28
C THR B 392 8.11 -7.29 6.44
N PRO B 393 8.65 -6.93 7.62
CA PRO B 393 7.80 -6.74 8.80
C PRO B 393 6.84 -5.57 8.69
N VAL B 394 7.12 -4.59 7.84
CA VAL B 394 6.22 -3.44 7.76
C VAL B 394 4.90 -3.78 7.08
N PHE B 395 4.85 -4.83 6.24
CA PHE B 395 3.60 -5.18 5.56
C PHE B 395 2.46 -5.37 6.55
N HIS B 396 2.72 -6.07 7.66
CA HIS B 396 1.67 -6.40 8.60
C HIS B 396 1.53 -5.36 9.71
N GLN B 397 2.27 -4.27 9.62
CA GLN B 397 2.27 -3.22 10.61
C GLN B 397 1.24 -2.17 10.22
N GLU B 398 0.20 -2.00 11.04
CA GLU B 398 -0.69 -0.87 10.86
C GLU B 398 0.07 0.42 11.14
N MET B 399 -0.29 1.47 10.41
CA MET B 399 0.40 2.75 10.52
C MET B 399 -0.64 3.86 10.44
N LEU B 400 -0.41 4.92 11.21
CA LEU B 400 -1.22 6.11 11.12
C LEU B 400 -0.39 7.18 10.41
N ASN B 401 -0.99 7.81 9.40
CA ASN B 401 -0.30 8.85 8.66
C ASN B 401 -0.93 10.19 8.96
N TYR B 402 -0.08 11.16 9.31
CA TYR B 402 -0.51 12.51 9.64
C TYR B 402 0.69 13.43 9.44
N ARG B 403 0.42 14.71 9.45
CA ARG B 403 1.35 15.71 8.92
C ARG B 403 1.81 16.61 10.05
N LEU B 404 3.09 16.49 10.42
CA LEU B 404 3.73 17.33 11.42
C LEU B 404 4.72 18.27 10.75
N THR B 405 4.92 19.43 11.37
CA THR B 405 5.93 20.40 10.96
C THR B 405 6.96 20.57 12.07
N PRO B 406 8.24 20.83 11.74
CA PRO B 406 8.90 21.06 10.44
C PRO B 406 8.73 19.91 9.46
N SER B 407 8.74 20.20 8.17
CA SER B 407 8.46 19.16 7.19
C SER B 407 9.17 19.46 5.87
N PHE B 408 9.41 18.40 5.12
CA PHE B 408 9.78 18.49 3.71
C PHE B 408 8.52 18.41 2.87
N GLU B 409 8.40 19.32 1.91
CA GLU B 409 7.24 19.42 1.04
C GLU B 409 7.69 19.42 -0.42
N TYR B 410 6.77 19.00 -1.28
CA TYR B 410 6.99 19.14 -2.70
C TYR B 410 6.84 20.60 -3.10
N GLN B 411 7.39 20.93 -4.26
CA GLN B 411 7.28 22.26 -4.83
C GLN B 411 7.36 22.15 -6.35
N PRO B 412 6.82 23.12 -7.07
CA PRO B 412 6.84 23.04 -8.54
C PRO B 412 8.26 23.08 -9.09
N ASP B 413 8.45 22.40 -10.22
CA ASP B 413 9.70 22.48 -10.94
C ASP B 413 9.96 23.93 -11.35
N PRO B 414 11.18 24.43 -11.18
CA PRO B 414 11.42 25.87 -11.39
C PRO B 414 11.21 26.32 -12.82
N TRP B 415 11.44 25.44 -13.81
CA TRP B 415 11.32 25.89 -15.19
C TRP B 415 9.88 26.18 -15.59
N ASN B 416 8.90 25.79 -14.78
CA ASN B 416 7.52 26.17 -15.03
C ASN B 416 7.22 27.57 -14.53
N THR B 417 7.96 28.04 -13.52
CA THR B 417 7.68 29.30 -12.87
C THR B 417 8.66 30.42 -13.19
N HIS B 418 9.86 30.08 -13.68
CA HIS B 418 10.94 31.06 -13.77
C HIS B 418 10.75 32.01 -14.95
N VAL B 419 11.04 33.28 -14.69
CA VAL B 419 11.04 34.33 -15.71
C VAL B 419 12.50 34.64 -16.05
N TRP B 420 12.92 34.28 -17.26
CA TRP B 420 14.31 34.44 -17.63
C TRP B 420 14.66 35.91 -17.87
N LYS B 421 15.88 36.28 -17.50
CA LYS B 421 16.33 37.66 -17.61
C LYS B 421 17.11 37.88 -18.89
CHA HEM C . -10.65 -9.55 -1.71
CHB HEM C . -9.20 -11.66 -5.79
CHC HEM C . -13.81 -12.95 -6.58
CHD HEM C . -15.30 -10.13 -2.98
C1A HEM C . -9.83 -10.12 -2.66
C2A HEM C . -8.39 -10.23 -2.65
C3A HEM C . -8.01 -10.82 -3.78
C4A HEM C . -9.19 -11.08 -4.55
CMA HEM C . -6.61 -11.21 -4.28
CAA HEM C . -7.44 -9.81 -1.51
CBA HEM C . -7.35 -11.07 -0.67
CGA HEM C . -6.24 -11.05 0.34
O1A HEM C . -5.24 -10.34 0.10
O2A HEM C . -6.33 -11.77 1.37
C1B HEM C . -10.33 -12.19 -6.33
C2B HEM C . -10.36 -12.98 -7.54
C3B HEM C . -11.62 -13.32 -7.77
C4B HEM C . -12.45 -12.77 -6.70
CMB HEM C . -9.15 -13.36 -8.41
CAB HEM C . -12.01 -14.18 -9.00
CBB HEM C . -13.24 -14.11 -9.57
C1C HEM C . -14.63 -12.33 -5.67
C2C HEM C . -16.08 -12.51 -5.56
C3C HEM C . -16.48 -11.73 -4.53
C4C HEM C . -15.32 -11.04 -4.00
CMC HEM C . -16.91 -13.46 -6.45
CAC HEM C . -17.89 -11.47 -3.95
CBC HEM C . -19.02 -11.81 -4.59
C1D HEM C . -14.16 -9.76 -2.29
C2D HEM C . -14.10 -9.05 -1.02
C3D HEM C . -12.81 -8.91 -0.69
C4D HEM C . -12.02 -9.52 -1.74
CMD HEM C . -15.35 -8.61 -0.24
CAD HEM C . -12.10 -8.28 0.55
CBD HEM C . -12.81 -7.20 1.34
CGD HEM C . -12.32 -7.25 2.77
O1D HEM C . -12.46 -6.21 3.46
O2D HEM C . -11.81 -8.33 3.24
NA HEM C . -10.28 -10.63 -3.85
NB HEM C . -11.62 -12.05 -5.84
NC HEM C . -14.21 -11.45 -4.72
ND HEM C . -12.87 -10.01 -2.72
FE HEM C . -12.24 -10.79 -4.43
N1 H4B D . -3.42 -6.49 1.27
C2 H4B D . -4.08 -7.61 0.92
N2 H4B D . -4.46 -7.79 -0.37
N3 H4B D . -4.37 -8.55 1.85
C4 H4B D . -4.02 -8.42 3.14
O4 H4B D . -4.32 -9.32 3.95
C4A H4B D . -3.34 -7.26 3.53
C8A H4B D . -3.05 -6.31 2.56
N5 H4B D . -2.96 -7.02 4.80
N8 H4B D . -2.41 -5.17 2.87
C6 H4B D . -2.83 -5.61 5.15
C7 H4B D . -1.88 -4.91 4.19
C9 H4B D . -2.35 -5.37 6.58
O9 H4B D . -1.32 -6.30 6.89
C10 H4B D . -1.78 -3.94 6.70
C11 H4B D . -1.14 -3.72 8.07
O10 H4B D . -2.79 -2.96 6.51
C02 OUP E . -10.40 -14.73 -3.92
C03 OUP E . -11.77 -14.86 -4.18
C04 OUP E . -12.67 -14.38 -3.22
C05 OUP E . -12.18 -13.82 -2.05
C06 OUP E . -13.06 -13.33 -1.09
C07 OUP E . -12.58 -12.75 0.07
C08 OUP E . -11.21 -12.66 0.30
C09 OUP E . -10.33 -13.16 -0.65
C10 OUP E . -10.82 -13.72 -1.83
C11 OUP E . -10.71 -12.09 1.59
C12 OUP E . -9.35 -11.93 1.81
C13 OUP E . -8.88 -11.44 3.02
C14 OUP E . -9.77 -11.15 4.05
C15 OUP E . -11.12 -11.34 3.85
C16 OUP E . -11.59 -11.83 2.64
C17 OUP E . -12.09 -11.02 4.97
C20 OUP E . -8.25 -11.44 5.87
C21 OUP E . -7.52 -10.66 6.94
C22 OUP E . -8.04 -11.02 8.32
C23 OUP E . -6.73 -11.74 8.64
C24 OUP E . -6.20 -11.33 7.27
C4A OUP E . -14.16 -14.47 -3.41
N01 OUP E . -9.97 -14.19 -2.76
N02 OUP E . -9.44 -15.18 -4.79
N18 OUP E . -12.56 -12.28 5.57
O19 OUP E . -9.28 -10.68 5.23
C1 GOL F . -24.75 4.52 -6.71
O1 GOL F . -23.93 3.73 -5.86
C2 GOL F . -24.99 3.81 -8.04
O2 GOL F . -24.60 2.45 -7.95
C3 GOL F . -24.21 4.50 -9.15
O3 GOL F . -24.10 3.62 -10.26
C1 GOL G . -25.63 -14.02 -13.14
O1 GOL G . -25.09 -14.67 -14.26
C2 GOL G . -27.09 -14.34 -12.87
O2 GOL G . -27.85 -13.26 -13.38
C3 GOL G . -27.36 -14.40 -11.36
O3 GOL G . -27.55 -15.72 -10.90
ZN ZN H . -6.95 8.10 4.18
CHA HEM I . 11.87 8.78 1.18
CHB HEM I . 15.24 5.60 2.57
CHC HEM I . 17.68 9.27 4.62
CHD HEM I . 14.01 12.31 3.82
C1A HEM I . 12.61 7.60 1.27
C2A HEM I . 12.42 6.38 0.53
C3A HEM I . 13.37 5.51 0.91
C4A HEM I . 14.17 6.16 1.92
CMA HEM I . 13.59 4.07 0.40
CAA HEM I . 11.37 6.10 -0.56
CBA HEM I . 12.18 6.49 -1.80
CGA HEM I . 11.50 6.14 -3.10
O1A HEM I . 10.53 5.39 -3.04
O2A HEM I . 11.95 6.60 -4.18
C1B HEM I . 16.21 6.33 3.21
C2B HEM I . 17.46 5.82 3.73
C3B HEM I . 18.12 6.83 4.31
C4B HEM I . 17.31 8.02 4.17
CMB HEM I . 17.97 4.36 3.66
CAB HEM I . 19.51 6.65 4.97
CBB HEM I . 20.08 7.60 5.73
C1C HEM I . 16.94 10.43 4.54
C2C HEM I . 17.38 11.76 4.94
C3C HEM I . 16.36 12.60 4.72
C4C HEM I . 15.25 11.84 4.19
CMC HEM I . 18.80 12.05 5.50
CAC HEM I . 16.27 14.13 4.98
CBC HEM I . 17.11 14.81 5.80
C1D HEM I . 13.13 11.62 2.98
C2D HEM I . 11.97 12.19 2.33
C3D HEM I . 11.39 11.20 1.59
C4D HEM I . 12.18 10.00 1.77
CMD HEM I . 11.53 13.67 2.45
CAD HEM I . 10.15 11.25 0.66
CBD HEM I . 8.95 12.03 1.19
CGD HEM I . 8.04 12.45 0.06
O1D HEM I . 6.98 13.03 0.40
O2D HEM I . 8.36 12.22 -1.15
NA HEM I . 13.69 7.42 2.10
NB HEM I . 16.13 7.68 3.50
NC HEM I . 15.64 10.52 4.07
ND HEM I . 13.24 10.29 2.62
FE HEM I . 14.52 8.91 3.36
N1 H4B J . 6.40 4.02 -2.55
C2 H4B J . 7.68 4.44 -2.65
N2 H4B J . 8.56 4.10 -1.68
N3 H4B J . 8.05 5.21 -3.72
C4 H4B J . 7.18 5.55 -4.68
O4 H4B J . 7.56 6.26 -5.65
C4A H4B J . 5.87 5.12 -4.58
C8A H4B J . 5.49 4.35 -3.50
N5 H4B J . 4.96 5.46 -5.50
N8 H4B J . 4.22 3.92 -3.35
C6 H4B J . 3.57 5.47 -5.08
C7 H4B J . 3.20 4.17 -4.38
C9 H4B J . 2.62 5.76 -6.23
O9 H4B J . 3.08 5.06 -7.39
C10 H4B J . 1.19 5.33 -5.90
C11 H4B J . 0.26 5.60 -7.09
O10 H4B J . 0.72 6.08 -4.78
C02 OUP K . 17.29 7.64 0.15
C03 OUP K . 17.76 8.73 0.88
C04 OUP K . 17.09 9.95 0.78
C05 OUP K . 15.98 10.04 -0.05
C06 OUP K . 15.31 11.25 -0.16
C07 OUP K . 14.19 11.36 -0.96
C08 OUP K . 13.73 10.27 -1.69
C09 OUP K . 14.42 9.05 -1.59
C10 OUP K . 15.53 8.95 -0.76
C11 OUP K . 12.55 10.48 -2.57
C12 OUP K . 11.89 9.43 -3.21
C13 OUP K . 10.80 9.68 -4.04
C14 OUP K . 10.37 10.98 -4.25
C15 OUP K . 11.03 12.03 -3.63
C16 OUP K . 12.12 11.77 -2.81
C17 OUP K . 10.58 13.45 -3.87
C20 OUP K . 9.45 11.40 -6.47
C21 OUP K . 8.82 10.21 -7.18
C22 OUP K . 8.13 10.68 -8.45
C23 OUP K . 9.22 10.02 -9.29
C24 OUP K . 9.87 9.51 -8.02
C4A OUP K . 17.55 11.17 1.52
N01 OUP K . 16.20 7.78 -0.65
N02 OUP K . 17.91 6.44 0.21
N18 OUP K . 11.61 14.16 -4.65
O19 OUP K . 9.31 11.24 -5.06
C1 GOL L . 5.01 18.14 18.16
O1 GOL L . 4.96 18.34 16.77
C2 GOL L . 6.46 17.90 18.62
O2 GOL L . 7.34 18.04 17.52
C3 GOL L . 6.60 16.49 19.19
O3 GOL L . 7.96 16.24 19.49
#